data_8ZKA
#
_entry.id   8ZKA
#
_cell.length_a   138.410
_cell.length_b   170.120
_cell.length_c   115.600
_cell.angle_alpha   90.00
_cell.angle_beta   90.00
_cell.angle_gamma   90.00
#
_symmetry.space_group_name_H-M   'C 2 2 21'
#
loop_
_entity.id
_entity.type
_entity.pdbx_description
1 polymer 'Indolepyruvate decarboxylase'
2 non-polymer 'MAGNESIUM ION'
3 non-polymer '2-[(2~{E})-3-[(4-azanyl-2-methyl-pyrimidin-5-yl)methyl]-4-methyl-2-(1-oxidanyl-2-phenyl-ethylidene)-1,3-thiazol-5-yl]ethyl phosphono hydrogen phosphate'
4 water water
#
_entity_poly.entity_id   1
_entity_poly.type   'polypeptide(L)'
_entity_poly.pdbx_seq_one_letter_code
;MGSSHHHHHHSQDPMRTPYCVADYLLDRLTDCGADHLFGVPGDYNLQFLDHVIDSPDICWVGCANELNASYAADGYARCK
GFAALLTTFGVGELSAMNGIAGSYAEHVPVLHIVGAPGTASQQRGELLHHTLGDGEFRHFYHMSEPITVAQAILTEQNAC
YEIDRVLTTMLRERRPGYLMLPADVAKKAATPPVNALTLRHAHADSACLKAFRDAAENRLAMSKRTALLADFLVLRHGLK
HALQKWVKDVPMAHATMLMGKGIFDERHVGFYGTYSGSASAGAVKEAIEGADTVLCIGTRFTDTLTAGFTHQLTPSQTIE
VQPHASRVGDVWFTGIPMLQAIETLVELCKQHVHDTPVPSSQSAMVYPQPDGSLTQDNFWKTLQTFIRPGDIILADQGTS
AFGAIDLRLPADVNFIVQPLWGSIGYTLAAAFGAQTACPNRRVIVLTGDGAAQLTIQELGSMLRDKQHPIILVLNNEGYT
VERAIHGPEQRYNDIALWNWTQIPQALSLDPQAQCWRVSEAEQLADVLEKVAHHERLSLIEVMLPKADIPPLLGAITKAL
EARNSA
;
_entity_poly.pdbx_strand_id   A,B
#
loop_
_chem_comp.id
_chem_comp.type
_chem_comp.name
_chem_comp.formula
A1L14 non-polymer '2-[(2~{E})-3-[(4-azanyl-2-methyl-pyrimidin-5-yl)methyl]-4-methyl-2-(1-oxidanyl-2-phenyl-ethylidene)-1,3-thiazol-5-yl]ethyl phosphono hydrogen phosphate' 'C20 H26 N4 O8 P2 S'
MG non-polymer 'MAGNESIUM ION' 'Mg 2'
#
# COMPACT_ATOMS: atom_id res chain seq x y z
N THR A 17 31.62 -13.76 -11.29
CA THR A 17 30.55 -13.64 -10.31
C THR A 17 30.74 -14.64 -9.17
N PRO A 18 31.63 -14.32 -8.24
CA PRO A 18 31.87 -15.22 -7.10
C PRO A 18 30.63 -15.35 -6.24
N TYR A 19 30.49 -16.53 -5.62
CA TYR A 19 29.37 -16.77 -4.73
C TYR A 19 29.39 -15.76 -3.59
N CYS A 20 28.25 -15.11 -3.35
CA CYS A 20 28.19 -14.02 -2.39
C CYS A 20 26.93 -14.18 -1.54
N VAL A 21 26.74 -13.23 -0.62
CA VAL A 21 25.61 -13.28 0.31
C VAL A 21 24.28 -13.33 -0.45
N ALA A 22 24.18 -12.59 -1.56
CA ALA A 22 22.98 -12.66 -2.39
C ALA A 22 22.67 -14.09 -2.80
N ASP A 23 23.70 -14.84 -3.20
CA ASP A 23 23.49 -16.22 -3.60
C ASP A 23 23.11 -17.10 -2.42
N TYR A 24 23.74 -16.89 -1.25
CA TYR A 24 23.42 -17.67 -0.07
C TYR A 24 21.96 -17.49 0.34
N LEU A 25 21.48 -16.24 0.31
CA LEU A 25 20.07 -15.98 0.59
C LEU A 25 19.17 -16.73 -0.38
N LEU A 26 19.52 -16.70 -1.67
CA LEU A 26 18.68 -17.38 -2.66
C LEU A 26 18.72 -18.89 -2.47
N ASP A 27 19.88 -19.45 -2.15
CA ASP A 27 19.97 -20.89 -1.90
C ASP A 27 19.11 -21.28 -0.69
N ARG A 28 19.16 -20.48 0.36
CA ARG A 28 18.36 -20.79 1.55
C ARG A 28 16.87 -20.65 1.26
N LEU A 29 16.52 -19.65 0.49
CA LEU A 29 15.13 -19.43 0.13
C LEU A 29 14.54 -20.64 -0.58
N THR A 30 15.24 -21.17 -1.58
CA THR A 30 14.74 -22.36 -2.28
C THR A 30 14.71 -23.57 -1.37
N ASP A 31 15.64 -23.65 -0.41
CA ASP A 31 15.58 -24.71 0.61
C ASP A 31 14.24 -24.71 1.32
N CYS A 32 13.66 -23.53 1.55
CA CYS A 32 12.42 -23.42 2.30
C CYS A 32 11.18 -23.67 1.47
N GLY A 33 11.32 -23.89 0.16
CA GLY A 33 10.22 -24.27 -0.70
C GLY A 33 9.77 -23.22 -1.70
N ALA A 34 10.39 -22.04 -1.72
CA ALA A 34 10.00 -20.99 -2.67
C ALA A 34 10.83 -21.15 -3.93
N ASP A 35 10.15 -21.29 -5.07
CA ASP A 35 10.80 -21.33 -6.38
C ASP A 35 10.61 -20.05 -7.17
N HIS A 36 9.97 -19.04 -6.58
CA HIS A 36 9.70 -17.77 -7.23
C HIS A 36 9.95 -16.66 -6.23
N LEU A 37 10.24 -15.47 -6.77
CA LEU A 37 10.39 -14.25 -5.98
C LEU A 37 9.53 -13.16 -6.60
N PHE A 38 8.55 -12.69 -5.85
CA PHE A 38 7.68 -11.61 -6.31
C PHE A 38 8.22 -10.27 -5.83
N GLY A 39 7.99 -9.23 -6.60
CA GLY A 39 8.28 -7.89 -6.11
C GLY A 39 8.32 -6.87 -7.23
N VAL A 40 8.92 -5.73 -6.90
CA VAL A 40 9.06 -4.60 -7.82
C VAL A 40 10.50 -4.10 -7.71
N PRO A 41 11.20 -3.87 -8.82
CA PRO A 41 12.60 -3.46 -8.73
C PRO A 41 12.74 -2.02 -8.25
N GLY A 42 13.95 -1.69 -7.81
CA GLY A 42 14.35 -0.34 -7.48
C GLY A 42 15.85 -0.31 -7.41
N ASP A 43 16.42 0.90 -7.48
CA ASP A 43 17.87 0.99 -7.59
C ASP A 43 18.59 0.32 -6.43
N TYR A 44 18.00 0.33 -5.23
CA TYR A 44 18.64 -0.31 -4.08
C TYR A 44 18.62 -1.83 -4.13
N ASN A 45 17.86 -2.45 -5.02
CA ASN A 45 17.84 -3.92 -5.07
C ASN A 45 18.20 -4.48 -6.44
N LEU A 46 18.58 -3.63 -7.40
CA LEU A 46 18.83 -4.10 -8.77
C LEU A 46 19.97 -5.11 -8.82
N GLN A 47 21.06 -4.83 -8.09
CA GLN A 47 22.21 -5.71 -8.14
C GLN A 47 21.90 -7.07 -7.51
N PHE A 48 21.09 -7.09 -6.45
CA PHE A 48 20.57 -8.36 -5.96
C PHE A 48 19.70 -9.04 -6.99
N LEU A 49 18.88 -8.27 -7.71
CA LEU A 49 18.00 -8.83 -8.72
C LEU A 49 18.78 -9.52 -9.82
N ASP A 50 20.00 -9.07 -10.12
CA ASP A 50 20.83 -9.77 -11.09
C ASP A 50 21.07 -11.22 -10.68
N HIS A 51 21.29 -11.44 -9.38
CA HIS A 51 21.50 -12.81 -8.91
C HIS A 51 20.22 -13.64 -8.99
N VAL A 52 19.06 -13.01 -8.77
CA VAL A 52 17.80 -13.72 -8.90
C VAL A 52 17.59 -14.17 -10.35
N ILE A 53 17.83 -13.26 -11.30
CA ILE A 53 17.64 -13.60 -12.71
C ILE A 53 18.59 -14.70 -13.14
N ASP A 54 19.88 -14.56 -12.79
CA ASP A 54 20.87 -15.53 -13.22
C ASP A 54 20.71 -16.88 -12.53
N SER A 55 20.07 -16.92 -11.37
CA SER A 55 19.92 -18.18 -10.65
C SER A 55 19.00 -19.12 -11.41
N PRO A 56 19.41 -20.37 -11.64
CA PRO A 56 18.50 -21.34 -12.28
C PRO A 56 17.43 -21.86 -11.35
N ASP A 57 17.50 -21.54 -10.06
CA ASP A 57 16.65 -22.20 -9.08
C ASP A 57 15.50 -21.33 -8.60
N ILE A 58 15.57 -20.02 -8.84
CA ILE A 58 14.55 -19.08 -8.43
C ILE A 58 14.15 -18.22 -9.62
N CYS A 59 12.85 -18.03 -9.81
CA CYS A 59 12.31 -17.28 -10.94
C CYS A 59 11.74 -15.95 -10.47
N TRP A 60 12.22 -14.86 -11.09
CA TRP A 60 11.72 -13.53 -10.74
C TRP A 60 10.33 -13.31 -11.33
N VAL A 61 9.41 -12.81 -10.50
CA VAL A 61 8.05 -12.49 -10.94
C VAL A 61 7.83 -11.01 -10.65
N GLY A 62 7.96 -10.18 -11.68
CA GLY A 62 7.72 -8.76 -11.50
C GLY A 62 6.22 -8.48 -11.39
N CYS A 63 5.85 -7.68 -10.40
CA CYS A 63 4.45 -7.37 -10.15
C CYS A 63 4.17 -5.91 -10.43
N ALA A 64 2.89 -5.58 -10.62
CA ALA A 64 2.50 -4.23 -11.03
C ALA A 64 2.56 -3.23 -9.89
N ASN A 65 2.51 -3.67 -8.63
CA ASN A 65 2.89 -2.83 -7.51
C ASN A 65 3.22 -3.72 -6.31
N GLU A 66 3.73 -3.09 -5.25
CA GLU A 66 4.27 -3.87 -4.12
C GLU A 66 3.19 -4.47 -3.24
N LEU A 67 2.06 -3.77 -3.08
CA LEU A 67 0.95 -4.36 -2.32
C LEU A 67 0.43 -5.61 -3.02
N ASN A 68 0.22 -5.53 -4.33
CA ASN A 68 -0.21 -6.73 -5.06
C ASN A 68 0.84 -7.83 -4.96
N ALA A 69 2.12 -7.46 -5.03
CA ALA A 69 3.19 -8.46 -4.95
C ALA A 69 3.16 -9.20 -3.62
N SER A 70 2.92 -8.47 -2.53
CA SER A 70 2.84 -9.09 -1.21
C SER A 70 1.59 -9.98 -1.11
N TYR A 71 0.48 -9.53 -1.71
CA TYR A 71 -0.71 -10.38 -1.79
C TYR A 71 -0.42 -11.66 -2.59
N ALA A 72 0.26 -11.52 -3.73
CA ALA A 72 0.57 -12.67 -4.57
C ALA A 72 1.52 -13.62 -3.86
N ALA A 73 2.52 -13.08 -3.17
CA ALA A 73 3.41 -13.95 -2.40
C ALA A 73 2.63 -14.74 -1.35
N ASP A 74 1.70 -14.07 -0.67
CA ASP A 74 0.85 -14.75 0.30
C ASP A 74 0.11 -15.93 -0.35
N GLY A 75 -0.59 -15.68 -1.46
CA GLY A 75 -1.27 -16.76 -2.14
C GLY A 75 -0.32 -17.85 -2.59
N TYR A 76 0.88 -17.47 -3.05
CA TYR A 76 1.89 -18.46 -3.42
C TYR A 76 2.24 -19.35 -2.24
N ALA A 77 2.41 -18.76 -1.06
CA ALA A 77 2.79 -19.53 0.12
C ALA A 77 1.66 -20.46 0.58
N ARG A 78 0.41 -20.06 0.37
CA ARG A 78 -0.69 -20.96 0.71
C ARG A 78 -0.77 -22.16 -0.23
N CYS A 79 -0.02 -22.15 -1.32
CA CYS A 79 0.07 -23.28 -2.24
C CYS A 79 1.35 -24.10 -2.07
N LYS A 80 2.47 -23.43 -1.79
CA LYS A 80 3.76 -24.09 -1.72
C LYS A 80 4.33 -24.17 -0.30
N GLY A 81 3.70 -23.51 0.67
CA GLY A 81 4.18 -23.53 2.04
C GLY A 81 5.21 -22.47 2.38
N PHE A 82 5.62 -21.66 1.41
CA PHE A 82 6.63 -20.63 1.63
C PHE A 82 6.62 -19.71 0.42
N ALA A 83 6.97 -18.44 0.66
CA ALA A 83 7.07 -17.47 -0.43
C ALA A 83 8.01 -16.35 -0.01
N ALA A 84 8.40 -15.54 -0.99
CA ALA A 84 9.31 -14.43 -0.76
C ALA A 84 8.89 -13.23 -1.59
N LEU A 85 9.11 -12.05 -1.01
CA LEU A 85 8.79 -10.77 -1.62
C LEU A 85 10.04 -9.89 -1.61
N LEU A 86 10.32 -9.21 -2.71
CA LEU A 86 11.45 -8.28 -2.78
C LEU A 86 10.93 -6.87 -3.08
N THR A 87 11.27 -5.92 -2.21
CA THR A 87 10.91 -4.53 -2.43
C THR A 87 12.14 -3.65 -2.27
N THR A 88 12.00 -2.39 -2.65
CA THR A 88 13.07 -1.42 -2.44
C THR A 88 12.83 -0.66 -1.14
N PHE A 89 13.92 -0.14 -0.59
CA PHE A 89 13.90 0.59 0.67
C PHE A 89 12.84 1.68 0.68
N GLY A 90 12.05 1.71 1.74
CA GLY A 90 11.13 2.81 1.99
C GLY A 90 9.86 2.73 1.18
N VAL A 91 9.91 3.14 -0.09
CA VAL A 91 8.70 3.25 -0.89
C VAL A 91 8.15 1.89 -1.25
N GLY A 92 9.02 0.91 -1.47
CA GLY A 92 8.60 -0.43 -1.81
C GLY A 92 8.10 -1.19 -0.60
N GLU A 93 8.92 -1.23 0.46
CA GLU A 93 8.55 -2.03 1.64
C GLU A 93 7.30 -1.48 2.31
N LEU A 94 7.14 -0.15 2.38
CA LEU A 94 5.98 0.38 3.06
C LEU A 94 4.71 0.18 2.24
N SER A 95 4.85 0.08 0.91
CA SER A 95 3.70 -0.24 0.07
C SER A 95 3.20 -1.66 0.31
N ALA A 96 4.07 -2.56 0.74
CA ALA A 96 3.70 -3.97 0.95
C ALA A 96 3.31 -4.29 2.38
N MET A 97 3.24 -3.30 3.27
CA MET A 97 3.17 -3.66 4.68
C MET A 97 1.79 -4.23 5.04
N ASN A 98 0.72 -3.77 4.40
CA ASN A 98 -0.59 -4.40 4.61
C ASN A 98 -0.59 -5.86 4.17
N GLY A 99 0.18 -6.21 3.15
CA GLY A 99 0.27 -7.61 2.76
C GLY A 99 0.98 -8.45 3.80
N ILE A 100 2.14 -7.99 4.27
CA ILE A 100 2.87 -8.71 5.30
C ILE A 100 2.03 -8.81 6.57
N ALA A 101 1.31 -7.74 6.91
CA ALA A 101 0.45 -7.77 8.09
C ALA A 101 -0.61 -8.86 7.97
N GLY A 102 -1.24 -8.97 6.81
CA GLY A 102 -2.20 -10.04 6.60
C GLY A 102 -1.57 -11.42 6.66
N SER A 103 -0.33 -11.53 6.18
CA SER A 103 0.35 -12.82 6.27
C SER A 103 0.63 -13.18 7.72
N TYR A 104 1.00 -12.18 8.54
CA TYR A 104 1.19 -12.44 9.96
C TYR A 104 -0.11 -12.85 10.63
N ALA A 105 -1.20 -12.11 10.34
CA ALA A 105 -2.48 -12.39 11.00
C ALA A 105 -2.96 -13.82 10.72
N GLU A 106 -2.80 -14.28 9.48
CA GLU A 106 -3.31 -15.58 9.08
C GLU A 106 -2.20 -16.64 8.98
N HIS A 107 -1.03 -16.36 9.55
CA HIS A 107 0.06 -17.33 9.69
C HIS A 107 0.54 -17.86 8.35
N VAL A 108 0.98 -16.94 7.48
CA VAL A 108 1.47 -17.29 6.15
C VAL A 108 2.96 -16.94 6.09
N PRO A 109 3.85 -17.91 5.84
CA PRO A 109 5.29 -17.62 5.84
C PRO A 109 5.78 -16.93 4.58
N VAL A 110 5.71 -15.61 4.55
CA VAL A 110 6.23 -14.80 3.45
C VAL A 110 7.49 -14.09 3.93
N LEU A 111 8.59 -14.25 3.19
CA LEU A 111 9.83 -13.56 3.52
C LEU A 111 9.88 -12.25 2.78
N HIS A 112 10.01 -11.15 3.53
CA HIS A 112 10.11 -9.82 2.96
C HIS A 112 11.59 -9.45 2.91
N ILE A 113 12.15 -9.39 1.71
CA ILE A 113 13.51 -8.93 1.47
C ILE A 113 13.43 -7.47 1.00
N VAL A 114 14.21 -6.60 1.66
CA VAL A 114 14.21 -5.18 1.34
C VAL A 114 15.62 -4.80 0.90
N GLY A 115 15.78 -4.44 -0.37
CA GLY A 115 17.05 -3.92 -0.83
C GLY A 115 17.27 -2.51 -0.33
N ALA A 116 18.43 -2.25 0.24
CA ALA A 116 18.67 -1.02 0.99
C ALA A 116 19.94 -0.33 0.50
N PRO A 117 20.09 0.97 0.79
CA PRO A 117 21.34 1.66 0.47
C PRO A 117 22.53 1.02 1.18
N GLY A 118 23.71 1.20 0.60
CA GLY A 118 24.90 0.62 1.18
C GLY A 118 25.14 1.13 2.59
N THR A 119 25.82 0.29 3.37
CA THR A 119 26.01 0.58 4.79
C THR A 119 26.74 1.90 4.99
N ALA A 120 27.76 2.17 4.17
CA ALA A 120 28.50 3.41 4.30
C ALA A 120 27.59 4.63 4.13
N SER A 121 26.72 4.61 3.12
CA SER A 121 25.76 5.69 2.95
C SER A 121 24.86 5.83 4.18
N GLN A 122 24.45 4.70 4.75
CA GLN A 122 23.60 4.72 5.93
C GLN A 122 24.34 5.31 7.14
N GLN A 123 25.59 4.91 7.35
CA GLN A 123 26.35 5.40 8.50
C GLN A 123 26.60 6.90 8.41
N ARG A 124 26.72 7.44 7.20
CA ARG A 124 26.91 8.87 7.00
C ARG A 124 25.62 9.67 7.07
N GLY A 125 24.47 9.01 7.21
CA GLY A 125 23.20 9.72 7.31
C GLY A 125 22.88 10.57 6.10
N GLU A 126 23.15 10.07 4.90
CA GLU A 126 22.95 10.85 3.69
C GLU A 126 21.47 11.11 3.45
N LEU A 127 21.19 12.24 2.79
CA LEU A 127 19.83 12.61 2.42
C LEU A 127 19.48 11.90 1.11
N LEU A 128 19.13 10.62 1.23
CA LEU A 128 18.93 9.75 0.09
C LEU A 128 17.44 9.66 -0.26
N HIS A 129 17.16 9.40 -1.53
CA HIS A 129 15.80 9.14 -1.95
C HIS A 129 15.26 7.91 -1.23
N HIS A 130 13.95 7.89 -1.02
CA HIS A 130 13.24 6.87 -0.24
C HIS A 130 13.57 6.93 1.26
N THR A 131 14.04 8.06 1.77
CA THR A 131 14.17 8.27 3.21
C THR A 131 13.23 9.40 3.63
N LEU A 132 13.09 9.58 4.94
CA LEU A 132 12.31 10.70 5.45
C LEU A 132 13.08 12.01 5.47
N GLY A 133 14.30 12.02 4.91
CA GLY A 133 15.09 13.23 4.88
C GLY A 133 15.73 13.61 6.19
N ASP A 134 15.85 12.67 7.12
CA ASP A 134 16.44 12.92 8.42
C ASP A 134 17.75 12.15 8.63
N GLY A 135 18.23 11.45 7.62
CA GLY A 135 19.45 10.67 7.74
C GLY A 135 19.30 9.36 8.48
N GLU A 136 18.08 8.89 8.72
CA GLU A 136 17.84 7.70 9.53
C GLU A 136 17.38 6.55 8.64
N PHE A 137 17.98 5.37 8.83
CA PHE A 137 17.73 4.25 7.94
C PHE A 137 17.10 3.04 8.62
N ARG A 138 16.66 3.16 9.87
CA ARG A 138 16.06 2.01 10.56
C ARG A 138 14.59 2.22 10.94
N HIS A 139 13.96 3.34 10.52
CA HIS A 139 12.56 3.56 10.83
C HIS A 139 11.69 2.41 10.35
N PHE A 140 11.87 2.02 9.09
CA PHE A 140 10.96 1.08 8.45
C PHE A 140 11.21 -0.35 8.92
N TYR A 141 12.47 -0.69 9.16
CA TYR A 141 12.80 -1.94 9.85
C TYR A 141 12.05 -2.04 11.16
N HIS A 142 11.99 -0.95 11.93
CA HIS A 142 11.30 -1.01 13.21
C HIS A 142 9.78 -1.09 13.04
N MET A 143 9.22 -0.40 12.04
CA MET A 143 7.78 -0.51 11.82
C MET A 143 7.36 -1.90 11.38
N SER A 144 8.26 -2.71 10.83
CA SER A 144 7.90 -4.07 10.45
C SER A 144 7.97 -5.06 11.61
N GLU A 145 8.45 -4.62 12.78
CA GLU A 145 8.63 -5.55 13.89
C GLU A 145 7.31 -6.19 14.35
N PRO A 146 6.19 -5.47 14.50
CA PRO A 146 4.98 -6.13 15.00
C PRO A 146 4.35 -7.12 14.04
N ILE A 147 4.70 -7.11 12.76
CA ILE A 147 4.05 -7.95 11.77
C ILE A 147 4.99 -9.02 11.22
N THR A 148 6.08 -9.31 11.92
CA THR A 148 6.98 -10.40 11.57
C THR A 148 7.35 -11.16 12.83
N VAL A 149 7.63 -12.46 12.66
CA VAL A 149 8.12 -13.24 13.80
C VAL A 149 9.62 -13.14 13.98
N ALA A 150 10.34 -12.71 12.96
CA ALA A 150 11.78 -12.56 13.07
C ALA A 150 12.22 -11.54 12.02
N GLN A 151 13.27 -10.79 12.35
CA GLN A 151 13.77 -9.82 11.41
C GLN A 151 15.25 -9.61 11.68
N ALA A 152 15.95 -9.09 10.68
CA ALA A 152 17.37 -8.84 10.83
C ALA A 152 17.79 -7.75 9.86
N ILE A 153 18.77 -6.95 10.28
CA ILE A 153 19.51 -6.10 9.38
C ILE A 153 20.80 -6.83 9.05
N LEU A 154 20.98 -7.19 7.78
CA LEU A 154 22.10 -8.01 7.40
C LEU A 154 23.35 -7.15 7.30
N THR A 155 24.44 -7.65 7.88
CA THR A 155 25.75 -7.00 7.82
C THR A 155 26.77 -7.99 7.31
N GLU A 156 27.95 -7.47 6.96
CA GLU A 156 29.06 -8.33 6.55
C GLU A 156 29.44 -9.31 7.66
N GLN A 157 29.19 -8.95 8.92
CA GLN A 157 29.60 -9.75 10.06
C GLN A 157 28.55 -10.73 10.53
N ASN A 158 27.30 -10.64 10.07
CA ASN A 158 26.26 -11.53 10.56
C ASN A 158 25.45 -12.24 9.48
N ALA A 159 25.74 -11.97 8.21
CA ALA A 159 24.78 -12.21 7.13
C ALA A 159 24.20 -13.62 7.16
N CYS A 160 25.07 -14.63 7.04
CA CYS A 160 24.57 -15.98 6.79
C CYS A 160 23.84 -16.56 7.99
N TYR A 161 24.26 -16.26 9.21
CA TYR A 161 23.56 -16.85 10.34
C TYR A 161 22.27 -16.10 10.67
N GLU A 162 22.20 -14.80 10.35
CA GLU A 162 20.93 -14.10 10.49
C GLU A 162 19.93 -14.57 9.43
N ILE A 163 20.40 -14.86 8.22
CA ILE A 163 19.52 -15.43 7.21
C ILE A 163 18.94 -16.75 7.69
N ASP A 164 19.79 -17.62 8.22
CA ASP A 164 19.32 -18.92 8.70
C ASP A 164 18.41 -18.76 9.91
N ARG A 165 18.74 -17.84 10.83
CA ARG A 165 17.88 -17.64 11.99
C ARG A 165 16.49 -17.19 11.57
N VAL A 166 16.41 -16.19 10.70
CA VAL A 166 15.11 -15.62 10.34
C VAL A 166 14.27 -16.66 9.59
N LEU A 167 14.88 -17.33 8.60
CA LEU A 167 14.15 -18.34 7.85
C LEU A 167 13.72 -19.50 8.75
N THR A 168 14.61 -19.94 9.65
CA THR A 168 14.25 -21.02 10.57
C THR A 168 13.07 -20.63 11.44
N THR A 169 13.06 -19.40 11.94
CA THR A 169 11.93 -18.94 12.74
C THR A 169 10.65 -18.92 11.92
N MET A 170 10.73 -18.51 10.65
CA MET A 170 9.55 -18.53 9.80
C MET A 170 9.02 -19.95 9.63
N LEU A 171 9.91 -20.91 9.43
CA LEU A 171 9.48 -22.30 9.30
C LEU A 171 8.81 -22.79 10.58
N ARG A 172 9.36 -22.38 11.74
CA ARG A 172 8.78 -22.81 13.01
C ARG A 172 7.39 -22.22 13.24
N GLU A 173 7.27 -20.90 13.08
CA GLU A 173 6.02 -20.22 13.40
C GLU A 173 5.07 -20.10 12.22
N ARG A 174 5.53 -20.43 11.01
CA ARG A 174 4.74 -20.28 9.79
C ARG A 174 4.19 -18.86 9.69
N ARG A 175 5.10 -17.89 9.75
CA ARG A 175 4.73 -16.49 9.78
C ARG A 175 5.80 -15.69 9.05
N PRO A 176 5.51 -14.44 8.69
CA PRO A 176 6.45 -13.67 7.87
C PRO A 176 7.77 -13.36 8.58
N GLY A 177 8.82 -13.21 7.78
CA GLY A 177 10.08 -12.69 8.26
C GLY A 177 10.53 -11.51 7.42
N TYR A 178 11.55 -10.81 7.91
CA TYR A 178 12.01 -9.58 7.28
C TYR A 178 13.54 -9.55 7.28
N LEU A 179 14.14 -9.19 6.14
CA LEU A 179 15.58 -9.03 6.04
C LEU A 179 15.87 -7.76 5.28
N MET A 180 16.66 -6.86 5.89
CA MET A 180 17.15 -5.71 5.15
C MET A 180 18.51 -6.09 4.59
N LEU A 181 18.67 -5.91 3.28
CA LEU A 181 19.87 -6.33 2.56
C LEU A 181 20.50 -5.08 1.95
N PRO A 182 21.42 -4.44 2.66
CA PRO A 182 22.16 -3.33 2.04
C PRO A 182 22.91 -3.81 0.81
N ALA A 183 22.97 -2.94 -0.21
CA ALA A 183 23.49 -3.35 -1.51
C ALA A 183 24.93 -3.86 -1.41
N ASP A 184 25.75 -3.22 -0.57
CA ASP A 184 27.14 -3.65 -0.45
C ASP A 184 27.22 -5.00 0.26
N VAL A 185 26.35 -5.25 1.22
CA VAL A 185 26.37 -6.52 1.95
C VAL A 185 26.03 -7.68 1.02
N ALA A 186 25.07 -7.49 0.12
CA ALA A 186 24.72 -8.55 -0.83
C ALA A 186 25.91 -9.06 -1.66
N LYS A 187 26.85 -8.19 -1.89
CA LYS A 187 28.01 -8.50 -2.70
C LYS A 187 29.21 -9.15 -1.99
N LYS A 188 29.11 -9.28 -0.68
CA LYS A 188 30.14 -9.86 0.15
C LYS A 188 30.26 -11.37 -0.05
N ALA A 189 31.48 -11.84 0.05
CA ALA A 189 31.82 -13.23 -0.16
C ALA A 189 31.09 -14.16 0.73
N ALA A 190 30.69 -15.30 0.22
CA ALA A 190 30.04 -16.30 1.04
C ALA A 190 30.40 -17.67 0.50
N THR A 191 29.99 -18.70 1.24
CA THR A 191 30.32 -20.08 0.88
C THR A 191 29.04 -20.89 0.73
N PRO A 192 28.90 -21.64 -0.36
CA PRO A 192 27.73 -22.52 -0.50
C PRO A 192 27.69 -23.56 0.61
N PRO A 193 26.55 -23.69 1.29
CA PRO A 193 26.42 -24.75 2.28
C PRO A 193 26.24 -26.10 1.61
N VAL A 194 26.72 -27.15 2.28
CA VAL A 194 26.58 -28.49 1.74
C VAL A 194 25.22 -29.11 2.13
N ASN A 195 24.66 -28.70 3.27
CA ASN A 195 23.35 -29.17 3.71
C ASN A 195 22.31 -28.10 3.48
N ALA A 196 21.12 -28.53 3.08
CA ALA A 196 19.98 -27.60 2.97
C ALA A 196 19.56 -27.14 4.36
N LEU A 197 18.96 -25.96 4.41
CA LEU A 197 18.42 -25.44 5.66
C LEU A 197 17.21 -26.27 6.06
N THR A 198 17.24 -26.84 7.26
CA THR A 198 16.13 -27.65 7.74
C THR A 198 15.82 -27.34 9.19
N LEU A 199 14.54 -27.37 9.53
CA LEU A 199 14.08 -27.23 10.92
C LEU A 199 13.84 -28.63 11.49
N ARG A 200 14.67 -29.03 12.45
CA ARG A 200 14.45 -30.31 13.12
C ARG A 200 13.15 -30.27 13.91
N HIS A 201 12.35 -31.33 13.78
CA HIS A 201 11.04 -31.35 14.44
C HIS A 201 11.20 -31.34 15.95
N ALA A 202 10.49 -30.41 16.60
CA ALA A 202 10.55 -30.31 18.05
C ALA A 202 9.82 -31.48 18.70
N HIS A 203 10.26 -31.84 19.90
CA HIS A 203 9.68 -32.94 20.66
C HIS A 203 9.39 -32.47 22.07
N ALA A 204 8.18 -32.72 22.55
CA ALA A 204 7.84 -32.37 23.92
C ALA A 204 8.60 -33.25 24.90
N ASP A 205 8.84 -32.70 26.09
CA ASP A 205 9.33 -33.51 27.18
C ASP A 205 8.36 -34.65 27.45
N SER A 206 8.90 -35.86 27.65
CA SER A 206 8.06 -37.04 27.73
C SER A 206 7.07 -36.97 28.89
N ALA A 207 7.48 -36.37 30.01
CA ALA A 207 6.55 -36.19 31.13
C ALA A 207 5.48 -35.18 30.76
N CYS A 208 5.85 -34.13 30.04
CA CYS A 208 4.89 -33.15 29.57
C CYS A 208 3.89 -33.78 28.61
N LEU A 209 4.38 -34.62 27.69
CA LEU A 209 3.50 -35.29 26.74
C LEU A 209 2.57 -36.28 27.45
N LYS A 210 3.09 -37.02 28.43
CA LYS A 210 2.25 -37.95 29.18
C LYS A 210 1.10 -37.23 29.86
N ALA A 211 1.37 -36.06 30.45
CA ALA A 211 0.33 -35.33 31.17
C ALA A 211 -0.81 -34.95 30.22
N PHE A 212 -0.46 -34.50 29.03
CA PHE A 212 -1.46 -34.16 28.05
C PHE A 212 -2.20 -35.41 27.62
N ARG A 213 -1.44 -36.42 27.24
CA ARG A 213 -1.99 -37.67 26.79
C ARG A 213 -2.98 -38.23 27.82
N ASP A 214 -2.56 -38.34 29.08
CA ASP A 214 -3.44 -38.85 30.12
C ASP A 214 -4.72 -38.04 30.22
N ALA A 215 -4.61 -36.73 30.28
CA ALA A 215 -5.79 -35.89 30.40
C ALA A 215 -6.70 -36.04 29.18
N ALA A 216 -6.11 -36.04 27.99
CA ALA A 216 -6.92 -36.22 26.79
C ALA A 216 -7.59 -37.59 26.77
N GLU A 217 -6.86 -38.63 27.17
CA GLU A 217 -7.42 -39.98 27.13
C GLU A 217 -8.58 -40.14 28.10
N ASN A 218 -8.42 -39.64 29.33
CA ASN A 218 -9.46 -39.77 30.34
C ASN A 218 -10.72 -39.03 29.93
N ARG A 219 -10.58 -37.87 29.29
CA ARG A 219 -11.74 -37.12 28.83
C ARG A 219 -12.41 -37.82 27.65
N LEU A 220 -11.61 -38.26 26.67
CA LEU A 220 -12.20 -38.94 25.52
C LEU A 220 -12.82 -40.28 25.90
N ALA A 221 -12.28 -40.95 26.93
CA ALA A 221 -12.80 -42.25 27.33
C ALA A 221 -14.24 -42.18 27.82
N MET A 222 -14.70 -41.02 28.28
CA MET A 222 -16.06 -40.89 28.80
C MET A 222 -17.00 -40.22 27.80
N SER A 223 -16.56 -40.04 26.56
CA SER A 223 -17.37 -39.39 25.53
C SER A 223 -18.31 -40.36 24.85
N LYS A 224 -19.60 -40.03 24.83
CA LYS A 224 -20.57 -40.81 24.07
C LYS A 224 -20.44 -40.55 22.57
N ARG A 225 -20.27 -39.29 22.19
CA ARG A 225 -20.04 -38.90 20.80
C ARG A 225 -19.04 -37.76 20.76
N THR A 226 -18.00 -37.92 19.94
CA THR A 226 -16.93 -36.95 19.80
C THR A 226 -16.93 -36.40 18.38
N ALA A 227 -16.76 -35.09 18.25
CA ALA A 227 -16.69 -34.42 16.96
C ALA A 227 -15.34 -33.73 16.78
N LEU A 228 -14.98 -33.49 15.52
CA LEU A 228 -13.68 -32.93 15.18
C LEU A 228 -13.88 -31.62 14.42
N LEU A 229 -13.26 -30.55 14.92
CA LEU A 229 -13.29 -29.24 14.28
C LEU A 229 -11.86 -28.80 14.03
N ALA A 230 -11.46 -28.75 12.76
CA ALA A 230 -10.12 -28.34 12.37
C ALA A 230 -10.19 -27.05 11.56
N ASP A 231 -9.14 -26.24 11.66
CA ASP A 231 -9.12 -24.99 10.89
C ASP A 231 -7.69 -24.65 10.48
N PHE A 232 -7.46 -23.37 10.15
CA PHE A 232 -6.42 -23.00 9.20
C PHE A 232 -5.01 -23.34 9.68
N LEU A 233 -4.77 -23.40 10.99
CA LEU A 233 -3.43 -23.72 11.44
C LEU A 233 -3.03 -25.12 11.03
N VAL A 234 -3.99 -26.03 10.85
CA VAL A 234 -3.71 -27.33 10.24
C VAL A 234 -3.09 -27.15 8.87
N LEU A 235 -3.66 -26.26 8.06
CA LEU A 235 -3.13 -26.02 6.71
C LEU A 235 -1.72 -25.48 6.76
N ARG A 236 -1.46 -24.50 7.63
CA ARG A 236 -0.17 -23.81 7.62
C ARG A 236 0.96 -24.74 8.02
N HIS A 237 0.72 -25.65 8.96
CA HIS A 237 1.76 -26.52 9.46
C HIS A 237 1.80 -27.87 8.74
N GLY A 238 1.17 -27.98 7.58
CA GLY A 238 1.30 -29.16 6.75
C GLY A 238 0.62 -30.41 7.28
N LEU A 239 -0.49 -30.26 8.01
CA LEU A 239 -1.13 -31.37 8.69
C LEU A 239 -2.47 -31.74 8.07
N LYS A 240 -2.72 -31.25 6.84
CA LYS A 240 -3.98 -31.54 6.15
C LYS A 240 -4.17 -33.05 5.96
N HIS A 241 -3.15 -33.74 5.46
CA HIS A 241 -3.31 -35.18 5.23
C HIS A 241 -3.47 -35.93 6.54
N ALA A 242 -2.79 -35.48 7.59
CA ALA A 242 -2.97 -36.10 8.90
C ALA A 242 -4.43 -36.00 9.36
N LEU A 243 -5.06 -34.85 9.11
CA LEU A 243 -6.45 -34.68 9.54
C LEU A 243 -7.41 -35.50 8.68
N GLN A 244 -7.15 -35.59 7.38
CA GLN A 244 -8.00 -36.41 6.52
C GLN A 244 -7.92 -37.88 6.90
N LYS A 245 -6.71 -38.39 7.10
CA LYS A 245 -6.56 -39.80 7.48
C LYS A 245 -7.15 -40.07 8.85
N TRP A 246 -7.06 -39.10 9.77
CA TRP A 246 -7.68 -39.21 11.08
C TRP A 246 -9.16 -39.55 10.97
N VAL A 247 -9.91 -38.75 10.20
CA VAL A 247 -11.35 -38.96 10.10
C VAL A 247 -11.68 -40.14 9.19
N LYS A 248 -10.75 -40.55 8.34
CA LYS A 248 -10.95 -41.79 7.59
C LYS A 248 -10.74 -43.00 8.50
N ASP A 249 -9.73 -42.95 9.37
CA ASP A 249 -9.48 -44.06 10.29
C ASP A 249 -10.50 -44.08 11.43
N VAL A 250 -10.96 -42.92 11.87
CA VAL A 250 -11.92 -42.83 12.97
C VAL A 250 -13.10 -41.99 12.49
N PRO A 251 -14.08 -42.59 11.82
CA PRO A 251 -15.24 -41.81 11.34
C PRO A 251 -15.95 -41.11 12.50
N MET A 252 -16.25 -39.83 12.28
CA MET A 252 -16.98 -39.04 13.26
C MET A 252 -17.42 -37.75 12.58
N ALA A 253 -18.36 -37.05 13.22
CA ALA A 253 -18.75 -35.74 12.74
C ALA A 253 -17.54 -34.82 12.71
N HIS A 254 -17.36 -34.11 11.61
CA HIS A 254 -16.23 -33.21 11.50
C HIS A 254 -16.61 -32.02 10.63
N ALA A 255 -15.86 -30.94 10.81
CA ALA A 255 -16.08 -29.71 10.06
C ALA A 255 -14.86 -28.82 10.17
N THR A 256 -14.85 -27.79 9.35
CA THR A 256 -13.94 -26.66 9.51
C THR A 256 -14.75 -25.39 9.71
N MET A 257 -14.06 -24.32 10.00
CA MET A 257 -14.63 -23.00 9.90
C MET A 257 -14.24 -22.41 8.54
N LEU A 258 -14.55 -21.14 8.34
CA LEU A 258 -14.33 -20.54 7.03
C LEU A 258 -12.85 -20.55 6.66
N MET A 259 -11.96 -20.24 7.62
CA MET A 259 -10.56 -20.05 7.29
C MET A 259 -9.91 -21.33 6.80
N GLY A 260 -10.22 -22.45 7.46
CA GLY A 260 -9.61 -23.72 7.15
C GLY A 260 -10.37 -24.56 6.16
N LYS A 261 -11.42 -24.01 5.56
CA LYS A 261 -12.20 -24.78 4.59
C LYS A 261 -11.28 -25.32 3.50
N GLY A 262 -11.50 -26.57 3.12
CA GLY A 262 -10.61 -27.26 2.22
C GLY A 262 -9.71 -28.27 2.89
N ILE A 263 -9.67 -28.31 4.22
CA ILE A 263 -8.95 -29.38 4.90
C ILE A 263 -9.54 -30.73 4.54
N PHE A 264 -10.86 -30.81 4.46
CA PHE A 264 -11.58 -32.06 4.26
C PHE A 264 -12.23 -32.15 2.89
N ASP A 265 -12.28 -33.36 2.35
CA ASP A 265 -13.23 -33.67 1.28
C ASP A 265 -14.62 -33.62 1.90
N GLU A 266 -15.41 -32.64 1.50
CA GLU A 266 -16.69 -32.38 2.15
C GLU A 266 -17.82 -33.27 1.65
N ARG A 267 -17.54 -34.20 0.74
CA ARG A 267 -18.51 -35.22 0.37
C ARG A 267 -18.45 -36.44 1.27
N HIS A 268 -17.44 -36.52 2.14
CA HIS A 268 -17.21 -37.71 2.97
C HIS A 268 -18.29 -37.85 4.03
N VAL A 269 -18.51 -39.09 4.46
CA VAL A 269 -19.43 -39.36 5.56
C VAL A 269 -18.92 -38.66 6.82
N GLY A 270 -19.85 -38.10 7.59
CA GLY A 270 -19.52 -37.37 8.79
C GLY A 270 -19.40 -35.87 8.62
N PHE A 271 -19.31 -35.38 7.39
CA PHE A 271 -19.25 -33.96 7.12
C PHE A 271 -20.63 -33.45 6.74
N TYR A 272 -21.09 -32.41 7.43
CA TYR A 272 -22.43 -31.87 7.23
C TYR A 272 -22.44 -30.42 6.77
N GLY A 273 -21.27 -29.77 6.70
CA GLY A 273 -21.20 -28.37 6.35
C GLY A 273 -20.19 -27.61 7.18
N THR A 274 -19.90 -26.37 6.77
CA THR A 274 -18.92 -25.56 7.48
C THR A 274 -19.55 -24.96 8.73
N TYR A 275 -18.77 -24.95 9.81
CA TYR A 275 -19.21 -24.44 11.09
C TYR A 275 -19.00 -22.93 11.16
N SER A 276 -20.07 -22.20 11.50
CA SER A 276 -19.99 -20.75 11.67
C SER A 276 -20.87 -20.31 12.83
N GLY A 277 -20.78 -21.02 13.96
CA GLY A 277 -21.53 -20.61 15.14
C GLY A 277 -23.02 -20.73 14.95
N SER A 278 -23.76 -19.71 15.42
CA SER A 278 -25.21 -19.73 15.32
C SER A 278 -25.70 -19.62 13.88
N ALA A 279 -24.83 -19.17 12.96
CA ALA A 279 -25.18 -19.13 11.55
C ALA A 279 -25.06 -20.48 10.86
N SER A 280 -24.51 -21.49 11.56
CA SER A 280 -24.34 -22.81 10.98
C SER A 280 -25.70 -23.40 10.62
N ALA A 281 -25.70 -24.29 9.62
CA ALA A 281 -26.88 -25.09 9.33
C ALA A 281 -27.23 -25.94 10.53
N GLY A 282 -28.51 -26.31 10.63
CA GLY A 282 -28.97 -27.06 11.78
C GLY A 282 -28.21 -28.36 11.97
N ALA A 283 -27.95 -29.08 10.88
CA ALA A 283 -27.21 -30.33 10.98
C ALA A 283 -25.78 -30.12 11.44
N VAL A 284 -25.16 -29.00 11.07
CA VAL A 284 -23.80 -28.71 11.52
C VAL A 284 -23.80 -28.40 13.01
N LYS A 285 -24.75 -27.59 13.47
CA LYS A 285 -24.80 -27.24 14.88
C LYS A 285 -24.99 -28.48 15.74
N GLU A 286 -25.84 -29.40 15.31
CA GLU A 286 -26.07 -30.62 16.08
C GLU A 286 -24.86 -31.54 16.02
N ALA A 287 -24.22 -31.64 14.86
CA ALA A 287 -23.06 -32.53 14.72
C ALA A 287 -21.88 -32.04 15.54
N ILE A 288 -21.67 -30.72 15.58
CA ILE A 288 -20.51 -30.16 16.25
C ILE A 288 -20.89 -29.80 17.68
N GLU A 289 -21.81 -28.85 17.85
CA GLU A 289 -22.15 -28.38 19.18
C GLU A 289 -22.90 -29.41 20.01
N GLY A 290 -23.54 -30.39 19.37
CA GLY A 290 -24.27 -31.40 20.11
C GLY A 290 -23.45 -32.53 20.66
N ALA A 291 -22.20 -32.66 20.22
CA ALA A 291 -21.33 -33.69 20.76
C ALA A 291 -20.87 -33.31 22.16
N ASP A 292 -20.72 -34.33 23.02
CA ASP A 292 -20.24 -34.04 24.37
C ASP A 292 -18.74 -33.72 24.39
N THR A 293 -18.00 -34.10 23.35
CA THR A 293 -16.58 -33.76 23.25
C THR A 293 -16.27 -33.28 21.84
N VAL A 294 -15.63 -32.13 21.73
CA VAL A 294 -15.27 -31.54 20.44
C VAL A 294 -13.77 -31.27 20.44
N LEU A 295 -13.07 -31.90 19.51
CA LEU A 295 -11.64 -31.69 19.32
C LEU A 295 -11.44 -30.48 18.41
N CYS A 296 -10.86 -29.41 18.97
CA CYS A 296 -10.63 -28.18 18.22
C CYS A 296 -9.17 -28.10 17.81
N ILE A 297 -8.90 -28.31 16.52
CA ILE A 297 -7.53 -28.50 16.04
C ILE A 297 -7.15 -27.29 15.20
N GLY A 298 -6.25 -26.47 15.74
CA GLY A 298 -5.76 -25.29 15.03
C GLY A 298 -6.85 -24.27 14.75
N THR A 299 -7.69 -24.02 15.73
CA THR A 299 -8.86 -23.16 15.57
C THR A 299 -8.64 -21.79 16.19
N ARG A 300 -9.21 -20.77 15.57
CA ARG A 300 -9.24 -19.43 16.13
C ARG A 300 -10.66 -18.89 15.94
N PHE A 301 -11.38 -18.68 17.05
CA PHE A 301 -12.80 -18.33 16.95
C PHE A 301 -12.92 -16.82 16.78
N THR A 302 -12.69 -16.37 15.54
CA THR A 302 -12.78 -14.96 15.21
C THR A 302 -14.25 -14.54 15.07
N ASP A 303 -14.46 -13.23 15.00
CA ASP A 303 -15.83 -12.72 14.94
C ASP A 303 -16.55 -13.18 13.66
N THR A 304 -15.85 -13.18 12.53
CA THR A 304 -16.47 -13.59 11.27
C THR A 304 -16.72 -15.10 11.24
N LEU A 305 -15.81 -15.89 11.80
CA LEU A 305 -15.92 -17.35 11.76
C LEU A 305 -16.99 -17.88 12.70
N THR A 306 -17.47 -17.07 13.64
CA THR A 306 -18.40 -17.52 14.67
C THR A 306 -19.70 -16.71 14.69
N ALA A 307 -20.00 -15.99 13.61
CA ALA A 307 -21.22 -15.17 13.53
C ALA A 307 -21.34 -14.22 14.70
N GLY A 308 -20.27 -13.46 14.93
CA GLY A 308 -20.23 -12.54 16.06
C GLY A 308 -20.10 -13.22 17.40
N PHE A 309 -19.23 -14.23 17.51
CA PHE A 309 -18.95 -14.93 18.75
C PHE A 309 -20.21 -15.60 19.33
N THR A 310 -21.01 -16.19 18.46
CA THR A 310 -22.21 -16.92 18.87
C THR A 310 -22.01 -18.44 18.84
N HIS A 311 -20.76 -18.89 18.80
CA HIS A 311 -20.47 -20.32 18.94
C HIS A 311 -20.76 -20.77 20.37
N GLN A 312 -21.27 -21.99 20.51
CA GLN A 312 -21.64 -22.56 21.81
C GLN A 312 -20.77 -23.78 22.06
N LEU A 313 -19.57 -23.55 22.61
CA LEU A 313 -18.62 -24.60 22.93
C LEU A 313 -17.96 -24.24 24.25
N THR A 314 -18.08 -25.11 25.23
CA THR A 314 -17.57 -24.82 26.56
C THR A 314 -16.18 -25.39 26.76
N PRO A 315 -15.44 -24.90 27.76
CA PRO A 315 -14.12 -25.50 28.03
C PRO A 315 -14.19 -26.98 28.36
N SER A 316 -15.14 -27.39 29.21
CA SER A 316 -15.27 -28.80 29.56
C SER A 316 -15.67 -29.65 28.36
N GLN A 317 -16.31 -29.05 27.36
CA GLN A 317 -16.71 -29.75 26.15
C GLN A 317 -15.55 -29.99 25.19
N THR A 318 -14.44 -29.29 25.35
CA THR A 318 -13.47 -29.18 24.27
C THR A 318 -12.07 -29.62 24.69
N ILE A 319 -11.35 -30.16 23.71
CA ILE A 319 -9.91 -30.34 23.73
C ILE A 319 -9.38 -29.51 22.56
N GLU A 320 -8.38 -28.69 22.81
CA GLU A 320 -7.93 -27.77 21.78
C GLU A 320 -6.42 -27.88 21.57
N VAL A 321 -6.00 -27.80 20.30
CA VAL A 321 -4.61 -27.99 19.92
C VAL A 321 -4.14 -26.74 19.19
N GLN A 322 -3.12 -26.10 19.76
CA GLN A 322 -2.50 -24.92 19.17
C GLN A 322 -1.05 -25.27 18.81
N PRO A 323 -0.34 -24.42 18.06
CA PRO A 323 1.01 -24.80 17.61
C PRO A 323 1.97 -25.24 18.71
N HIS A 324 1.96 -24.60 19.87
CA HIS A 324 2.93 -24.91 20.91
C HIS A 324 2.30 -25.36 22.22
N ALA A 325 0.99 -25.51 22.27
CA ALA A 325 0.32 -25.87 23.52
C ALA A 325 -1.04 -26.45 23.19
N SER A 326 -1.52 -27.31 24.09
CA SER A 326 -2.82 -27.93 23.95
C SER A 326 -3.55 -27.83 25.28
N ARG A 327 -4.88 -27.89 25.21
CA ARG A 327 -5.74 -27.72 26.37
C ARG A 327 -6.73 -28.87 26.46
N VAL A 328 -6.94 -29.37 27.67
CA VAL A 328 -8.02 -30.30 27.96
C VAL A 328 -8.87 -29.69 29.06
N GLY A 329 -10.09 -29.33 28.73
CA GLY A 329 -10.96 -28.70 29.71
C GLY A 329 -10.40 -27.36 30.12
N ASP A 330 -10.10 -27.21 31.41
CA ASP A 330 -9.58 -25.97 31.97
C ASP A 330 -8.06 -25.93 32.04
N VAL A 331 -7.38 -27.02 31.69
CA VAL A 331 -5.96 -27.18 31.94
C VAL A 331 -5.21 -27.05 30.61
N TRP A 332 -4.21 -26.17 30.58
CA TRP A 332 -3.33 -26.00 29.44
C TRP A 332 -2.04 -26.78 29.69
N PHE A 333 -1.54 -27.40 28.62
CA PHE A 333 -0.26 -28.12 28.64
C PHE A 333 0.62 -27.46 27.58
N THR A 334 1.65 -26.74 28.02
CA THR A 334 2.45 -25.92 27.14
C THR A 334 3.78 -26.60 26.83
N GLY A 335 4.32 -26.30 25.66
CA GLY A 335 5.50 -26.99 25.17
C GLY A 335 5.23 -28.31 24.48
N ILE A 336 4.09 -28.44 23.83
CA ILE A 336 3.76 -29.63 23.05
C ILE A 336 3.57 -29.22 21.60
N PRO A 337 4.43 -29.65 20.69
CA PRO A 337 4.20 -29.34 19.27
C PRO A 337 2.85 -29.88 18.82
N MET A 338 2.14 -29.10 18.02
CA MET A 338 0.81 -29.52 17.59
C MET A 338 0.85 -30.82 16.80
N LEU A 339 1.97 -31.09 16.13
CA LEU A 339 2.13 -32.38 15.46
C LEU A 339 2.01 -33.53 16.45
N GLN A 340 2.75 -33.46 17.57
CA GLN A 340 2.67 -34.51 18.58
C GLN A 340 1.30 -34.58 19.21
N ALA A 341 0.69 -33.42 19.49
CA ALA A 341 -0.64 -33.40 20.06
C ALA A 341 -1.63 -34.11 19.15
N ILE A 342 -1.53 -33.86 17.84
CA ILE A 342 -2.44 -34.52 16.90
C ILE A 342 -2.19 -36.02 16.86
N GLU A 343 -0.91 -36.41 16.76
CA GLU A 343 -0.59 -37.84 16.76
C GLU A 343 -1.10 -38.51 18.03
N THR A 344 -0.98 -37.85 19.17
CA THR A 344 -1.50 -38.40 20.43
C THR A 344 -3.00 -38.62 20.34
N LEU A 345 -3.73 -37.58 19.91
CA LEU A 345 -5.19 -37.67 19.87
C LEU A 345 -5.68 -38.66 18.83
N VAL A 346 -4.95 -38.80 17.71
CA VAL A 346 -5.30 -39.80 16.71
C VAL A 346 -5.22 -41.20 17.31
N GLU A 347 -4.12 -41.49 18.02
CA GLU A 347 -3.97 -42.79 18.65
C GLU A 347 -5.06 -43.03 19.70
N LEU A 348 -5.35 -42.01 20.53
CA LEU A 348 -6.37 -42.17 21.56
C LEU A 348 -7.74 -42.40 20.94
N CYS A 349 -8.05 -41.68 19.87
CA CYS A 349 -9.32 -41.88 19.19
C CYS A 349 -9.41 -43.30 18.64
N LYS A 350 -8.28 -43.83 18.14
CA LYS A 350 -8.24 -45.21 17.67
C LYS A 350 -8.56 -46.20 18.79
N GLN A 351 -8.30 -45.83 20.03
CA GLN A 351 -8.56 -46.65 21.18
C GLN A 351 -10.00 -46.54 21.63
N HIS A 352 -10.70 -45.52 21.23
CA HIS A 352 -12.10 -45.37 21.58
C HIS A 352 -12.98 -45.27 20.34
N VAL A 353 -12.60 -45.93 19.27
CA VAL A 353 -13.34 -45.85 18.04
C VAL A 353 -14.67 -46.49 18.23
N HIS A 354 -15.75 -45.72 18.22
CA HIS A 354 -17.06 -46.31 18.32
C HIS A 354 -18.06 -45.93 17.19
N ASP A 355 -18.93 -45.00 17.47
CA ASP A 355 -19.94 -44.60 16.50
C ASP A 355 -19.49 -44.28 15.09
N THR A 356 -20.36 -44.62 14.15
CA THR A 356 -20.10 -44.37 12.73
C THR A 356 -20.99 -43.25 12.21
N PRO A 357 -20.37 -42.26 11.55
CA PRO A 357 -21.08 -41.11 10.99
C PRO A 357 -22.28 -41.54 10.15
N VAL A 358 -23.45 -41.00 10.47
CA VAL A 358 -24.68 -41.34 9.74
C VAL A 358 -25.06 -40.22 8.77
N PRO A 359 -25.83 -40.57 7.74
CA PRO A 359 -26.28 -39.61 6.72
C PRO A 359 -26.92 -38.38 7.35
N ASP A 371 -34.08 -21.82 -13.78
CA ASP A 371 -34.31 -20.48 -13.28
C ASP A 371 -34.06 -19.47 -14.38
N GLY A 372 -34.23 -18.22 -14.01
CA GLY A 372 -34.00 -17.08 -14.84
C GLY A 372 -32.96 -16.19 -14.20
N SER A 373 -33.39 -15.07 -13.68
CA SER A 373 -32.52 -14.06 -13.10
C SER A 373 -31.56 -14.64 -12.07
N LEU A 374 -30.30 -14.21 -12.17
CA LEU A 374 -29.28 -14.62 -11.20
C LEU A 374 -29.58 -14.04 -9.83
N THR A 375 -29.50 -14.89 -8.81
CA THR A 375 -29.53 -14.48 -7.42
C THR A 375 -28.28 -15.02 -6.76
N GLN A 376 -28.02 -14.57 -5.53
CA GLN A 376 -26.98 -15.22 -4.74
C GLN A 376 -27.25 -16.70 -4.64
N ASP A 377 -28.52 -17.07 -4.41
CA ASP A 377 -28.88 -18.46 -4.18
C ASP A 377 -28.56 -19.33 -5.40
N ASN A 378 -29.05 -18.95 -6.58
CA ASN A 378 -28.82 -19.79 -7.75
C ASN A 378 -27.42 -19.64 -8.32
N PHE A 379 -26.71 -18.55 -7.99
CA PHE A 379 -25.31 -18.44 -8.38
C PHE A 379 -24.46 -19.51 -7.72
N TRP A 380 -24.55 -19.62 -6.38
CA TRP A 380 -23.72 -20.58 -5.67
C TRP A 380 -24.15 -22.02 -5.95
N LYS A 381 -25.44 -22.23 -6.24
CA LYS A 381 -25.87 -23.55 -6.69
C LYS A 381 -25.32 -23.88 -8.06
N THR A 382 -25.29 -22.91 -8.97
CA THR A 382 -24.68 -23.13 -10.28
C THR A 382 -23.19 -23.40 -10.14
N LEU A 383 -22.50 -22.61 -9.32
CA LEU A 383 -21.07 -22.82 -9.11
C LEU A 383 -20.79 -24.15 -8.43
N GLN A 384 -21.73 -24.63 -7.60
CA GLN A 384 -21.55 -25.91 -6.93
C GLN A 384 -21.36 -27.05 -7.93
N THR A 385 -22.16 -27.05 -9.00
CA THR A 385 -22.05 -28.11 -9.99
C THR A 385 -20.81 -27.99 -10.86
N PHE A 386 -20.11 -26.85 -10.80
CA PHE A 386 -18.98 -26.57 -11.67
C PHE A 386 -17.63 -26.98 -11.06
N ILE A 387 -17.48 -26.86 -9.73
CA ILE A 387 -16.18 -27.09 -9.12
C ILE A 387 -15.82 -28.57 -9.18
N ARG A 388 -14.52 -28.86 -9.20
CA ARG A 388 -13.99 -30.20 -9.40
C ARG A 388 -12.80 -30.42 -8.48
N PRO A 389 -12.43 -31.68 -8.24
CA PRO A 389 -11.17 -31.92 -7.54
C PRO A 389 -10.01 -31.28 -8.28
N GLY A 390 -9.06 -30.74 -7.51
CA GLY A 390 -7.93 -30.04 -8.07
C GLY A 390 -8.08 -28.53 -8.18
N ASP A 391 -9.29 -28.01 -7.99
CA ASP A 391 -9.51 -26.58 -8.12
C ASP A 391 -8.76 -25.82 -7.02
N ILE A 392 -8.26 -24.65 -7.37
CA ILE A 392 -7.84 -23.65 -6.40
C ILE A 392 -8.90 -22.55 -6.45
N ILE A 393 -9.61 -22.38 -5.34
CA ILE A 393 -10.72 -21.43 -5.24
C ILE A 393 -10.32 -20.36 -4.25
N LEU A 394 -10.38 -19.10 -4.69
CA LEU A 394 -10.10 -17.95 -3.84
C LEU A 394 -11.34 -17.04 -3.82
N ALA A 395 -11.69 -16.56 -2.63
CA ALA A 395 -12.85 -15.69 -2.48
C ALA A 395 -12.50 -14.51 -1.59
N ASP A 396 -12.98 -13.33 -1.97
CA ASP A 396 -12.71 -12.11 -1.21
C ASP A 396 -13.83 -11.83 -0.22
N GLN A 397 -13.53 -10.94 0.73
CA GLN A 397 -14.52 -10.54 1.72
C GLN A 397 -15.68 -9.81 1.06
N GLY A 398 -16.88 -10.02 1.59
CA GLY A 398 -18.10 -9.57 0.95
C GLY A 398 -19.01 -10.75 0.65
N THR A 399 -19.91 -10.61 -0.32
CA THR A 399 -20.80 -11.73 -0.64
C THR A 399 -20.02 -12.93 -1.18
N SER A 400 -18.87 -12.70 -1.81
CA SER A 400 -18.07 -13.80 -2.34
C SER A 400 -17.73 -14.81 -1.26
N ALA A 401 -16.95 -14.39 -0.24
CA ALA A 401 -16.51 -15.32 0.79
C ALA A 401 -17.69 -15.88 1.58
N PHE A 402 -18.66 -15.02 1.89
CA PHE A 402 -19.79 -15.46 2.71
C PHE A 402 -20.82 -16.26 1.93
N GLY A 403 -20.68 -16.35 0.60
CA GLY A 403 -21.47 -17.29 -0.16
C GLY A 403 -20.71 -18.56 -0.46
N ALA A 404 -19.40 -18.43 -0.71
CA ALA A 404 -18.56 -19.59 -1.00
C ALA A 404 -18.45 -20.52 0.20
N ILE A 405 -18.77 -20.05 1.41
CA ILE A 405 -18.72 -20.90 2.59
C ILE A 405 -19.69 -22.07 2.43
N ASP A 406 -20.78 -21.89 1.68
CA ASP A 406 -21.78 -22.94 1.52
C ASP A 406 -21.41 -23.95 0.45
N LEU A 407 -20.29 -23.76 -0.26
CA LEU A 407 -19.85 -24.73 -1.25
C LEU A 407 -19.42 -26.02 -0.58
N ARG A 408 -19.83 -27.15 -1.17
CA ARG A 408 -19.47 -28.48 -0.68
C ARG A 408 -18.28 -28.96 -1.51
N LEU A 409 -17.08 -28.76 -0.96
CA LEU A 409 -15.85 -28.97 -1.73
C LEU A 409 -15.54 -30.45 -1.90
N PRO A 410 -15.11 -30.87 -3.11
CA PRO A 410 -14.59 -32.23 -3.29
C PRO A 410 -13.13 -32.33 -2.84
N ALA A 411 -12.51 -33.48 -3.09
CA ALA A 411 -11.13 -33.73 -2.68
C ALA A 411 -10.14 -32.85 -3.45
N ASP A 412 -8.99 -32.61 -2.82
CA ASP A 412 -7.85 -31.92 -3.43
C ASP A 412 -8.25 -30.52 -3.92
N VAL A 413 -8.94 -29.78 -3.06
CA VAL A 413 -9.30 -28.40 -3.35
C VAL A 413 -8.52 -27.50 -2.40
N ASN A 414 -7.87 -26.48 -2.95
CA ASN A 414 -7.20 -25.46 -2.17
C ASN A 414 -8.14 -24.25 -2.11
N PHE A 415 -8.70 -24.00 -0.94
CA PHE A 415 -9.68 -22.93 -0.73
C PHE A 415 -8.98 -21.82 0.05
N ILE A 416 -8.80 -20.67 -0.59
CA ILE A 416 -8.02 -19.58 -0.03
C ILE A 416 -8.97 -18.44 0.27
N VAL A 417 -9.14 -18.13 1.56
CA VAL A 417 -9.96 -17.04 2.02
C VAL A 417 -9.24 -16.37 3.18
N GLN A 418 -9.48 -15.07 3.35
CA GLN A 418 -8.74 -14.25 4.31
C GLN A 418 -9.72 -13.52 5.24
N PRO A 419 -10.44 -14.25 6.09
CA PRO A 419 -11.49 -13.63 6.90
C PRO A 419 -11.00 -12.98 8.17
N LEU A 420 -9.79 -13.28 8.63
CA LEU A 420 -9.29 -12.61 9.83
C LEU A 420 -8.72 -11.25 9.49
N TRP A 421 -7.74 -11.19 8.61
CA TRP A 421 -7.26 -9.88 8.18
C TRP A 421 -8.34 -9.15 7.40
N GLY A 422 -8.94 -9.80 6.40
CA GLY A 422 -10.09 -9.24 5.72
C GLY A 422 -9.82 -8.06 4.81
N SER A 423 -8.74 -8.10 4.03
CA SER A 423 -8.37 -6.99 3.17
C SER A 423 -8.92 -7.24 1.76
N ILE A 424 -9.91 -6.44 1.35
CA ILE A 424 -10.45 -6.62 0.01
C ILE A 424 -9.41 -6.18 -1.01
N GLY A 425 -9.42 -6.85 -2.16
CA GLY A 425 -8.35 -6.77 -3.13
C GLY A 425 -7.34 -7.89 -3.01
N TYR A 426 -7.22 -8.49 -1.83
CA TYR A 426 -6.30 -9.60 -1.64
C TYR A 426 -6.52 -10.69 -2.69
N THR A 427 -7.77 -11.03 -2.97
CA THR A 427 -8.08 -12.25 -3.70
C THR A 427 -7.55 -12.22 -5.12
N LEU A 428 -7.77 -11.12 -5.85
CA LEU A 428 -7.32 -11.08 -7.24
C LEU A 428 -5.80 -11.22 -7.34
N ALA A 429 -5.08 -10.48 -6.49
CA ALA A 429 -3.62 -10.54 -6.56
C ALA A 429 -3.10 -11.87 -6.02
N ALA A 430 -3.74 -12.41 -4.97
CA ALA A 430 -3.35 -13.72 -4.47
C ALA A 430 -3.57 -14.80 -5.51
N ALA A 431 -4.59 -14.64 -6.37
CA ALA A 431 -4.81 -15.61 -7.44
C ALA A 431 -3.65 -15.62 -8.42
N PHE A 432 -3.03 -14.46 -8.67
CA PHE A 432 -1.84 -14.42 -9.51
C PHE A 432 -0.70 -15.23 -8.88
N GLY A 433 -0.51 -15.09 -7.57
CA GLY A 433 0.50 -15.88 -6.90
C GLY A 433 0.18 -17.37 -6.88
N ALA A 434 -1.09 -17.70 -6.62
CA ALA A 434 -1.47 -19.11 -6.57
C ALA A 434 -1.32 -19.77 -7.94
N GLN A 435 -1.74 -19.09 -8.99
CA GLN A 435 -1.57 -19.65 -10.34
C GLN A 435 -0.09 -19.79 -10.68
N THR A 436 0.74 -18.83 -10.23
CA THR A 436 2.18 -18.97 -10.41
C THR A 436 2.70 -20.23 -9.72
N ALA A 437 2.22 -20.50 -8.51
CA ALA A 437 2.65 -21.70 -7.79
C ALA A 437 2.21 -22.98 -8.48
N CYS A 438 1.00 -22.99 -9.05
CA CYS A 438 0.40 -24.21 -9.60
C CYS A 438 -0.12 -23.95 -11.01
N PRO A 439 0.78 -23.87 -11.99
CA PRO A 439 0.34 -23.56 -13.37
C PRO A 439 -0.62 -24.58 -13.97
N ASN A 440 -0.62 -25.82 -13.49
CA ASN A 440 -1.45 -26.87 -14.08
C ASN A 440 -2.76 -27.08 -13.34
N ARG A 441 -3.04 -26.31 -12.31
CA ARG A 441 -4.32 -26.42 -11.62
C ARG A 441 -5.26 -25.31 -12.06
N ARG A 442 -6.56 -25.61 -12.01
CA ARG A 442 -7.59 -24.66 -12.37
C ARG A 442 -7.81 -23.69 -11.21
N VAL A 443 -7.68 -22.40 -11.49
CA VAL A 443 -7.83 -21.34 -10.49
C VAL A 443 -9.14 -20.62 -10.74
N ILE A 444 -9.97 -20.56 -9.70
CA ILE A 444 -11.28 -19.89 -9.76
C ILE A 444 -11.23 -18.73 -8.78
N VAL A 445 -11.45 -17.51 -9.29
CA VAL A 445 -11.36 -16.29 -8.51
C VAL A 445 -12.78 -15.77 -8.30
N LEU A 446 -13.18 -15.63 -7.04
CA LEU A 446 -14.48 -15.07 -6.68
C LEU A 446 -14.24 -13.74 -6.00
N THR A 447 -14.43 -12.65 -6.73
CA THR A 447 -14.19 -11.32 -6.19
C THR A 447 -15.38 -10.43 -6.46
N GLY A 448 -15.70 -9.57 -5.49
CA GLY A 448 -16.68 -8.53 -5.72
C GLY A 448 -16.16 -7.49 -6.69
N ASP A 449 -17.08 -6.68 -7.20
CA ASP A 449 -16.66 -5.57 -8.05
C ASP A 449 -15.85 -4.56 -7.26
N GLY A 450 -16.26 -4.28 -6.03
CA GLY A 450 -15.50 -3.33 -5.21
C GLY A 450 -14.11 -3.84 -4.90
N ALA A 451 -14.00 -5.09 -4.47
CA ALA A 451 -12.70 -5.63 -4.07
C ALA A 451 -11.71 -5.62 -5.23
N ALA A 452 -12.15 -6.00 -6.43
CA ALA A 452 -11.24 -6.12 -7.55
C ALA A 452 -10.65 -4.77 -7.98
N GLN A 453 -11.32 -3.66 -7.65
CA GLN A 453 -10.80 -2.34 -8.01
C GLN A 453 -9.49 -2.02 -7.30
N LEU A 454 -9.29 -2.56 -6.09
CA LEU A 454 -8.13 -2.19 -5.30
C LEU A 454 -6.83 -2.77 -5.85
N THR A 455 -6.90 -3.86 -6.64
CA THR A 455 -5.72 -4.56 -7.09
C THR A 455 -5.77 -4.89 -8.58
N ILE A 456 -6.63 -4.21 -9.30
CA ILE A 456 -6.89 -4.47 -10.71
C ILE A 456 -5.68 -4.65 -11.63
N GLN A 457 -4.63 -3.89 -11.38
CA GLN A 457 -3.46 -3.97 -12.22
C GLN A 457 -2.77 -5.32 -12.30
N GLU A 458 -2.91 -6.16 -11.25
CA GLU A 458 -2.38 -7.47 -11.24
C GLU A 458 -3.03 -8.37 -12.33
N LEU A 459 -4.24 -8.06 -12.76
CA LEU A 459 -4.80 -8.77 -13.90
C LEU A 459 -3.87 -8.65 -15.10
N GLY A 460 -3.18 -7.52 -15.24
CA GLY A 460 -2.21 -7.38 -16.30
C GLY A 460 -1.05 -8.35 -16.18
N SER A 461 -0.65 -8.67 -14.94
CA SER A 461 0.40 -9.68 -14.73
C SER A 461 -0.07 -11.07 -15.17
N MET A 462 -1.28 -11.47 -14.80
CA MET A 462 -1.78 -12.76 -15.27
C MET A 462 -1.78 -12.83 -16.79
N LEU A 463 -2.23 -11.75 -17.44
CA LEU A 463 -2.26 -11.75 -18.90
C LEU A 463 -0.85 -11.79 -19.48
N ARG A 464 0.09 -11.05 -18.87
CA ARG A 464 1.48 -11.07 -19.35
C ARG A 464 2.07 -12.46 -19.26
N ASP A 465 1.80 -13.17 -18.18
CA ASP A 465 2.36 -14.50 -17.94
C ASP A 465 1.52 -15.62 -18.52
N LYS A 466 0.53 -15.30 -19.36
CA LYS A 466 -0.29 -16.29 -20.07
C LYS A 466 -1.02 -17.23 -19.10
N GLN A 467 -1.43 -16.71 -17.96
CA GLN A 467 -2.20 -17.50 -17.02
C GLN A 467 -3.64 -17.66 -17.48
N HIS A 468 -4.26 -18.76 -17.07
CA HIS A 468 -5.63 -19.02 -17.51
C HIS A 468 -6.59 -19.21 -16.34
N PRO A 469 -6.69 -18.27 -15.40
CA PRO A 469 -7.68 -18.42 -14.34
C PRO A 469 -9.09 -18.12 -14.85
N ILE A 470 -10.08 -18.56 -14.07
CA ILE A 470 -11.47 -18.22 -14.28
C ILE A 470 -11.82 -17.17 -13.24
N ILE A 471 -11.96 -15.92 -13.66
CA ILE A 471 -12.23 -14.80 -12.76
C ILE A 471 -13.72 -14.48 -12.82
N LEU A 472 -14.42 -14.64 -11.71
CA LEU A 472 -15.83 -14.30 -11.59
C LEU A 472 -15.94 -13.03 -10.76
N VAL A 473 -16.36 -11.94 -11.40
CA VAL A 473 -16.57 -10.66 -10.74
C VAL A 473 -18.04 -10.54 -10.39
N LEU A 474 -18.35 -10.53 -9.10
CA LEU A 474 -19.73 -10.39 -8.65
C LEU A 474 -20.10 -8.91 -8.69
N ASN A 475 -20.77 -8.50 -9.76
CA ASN A 475 -21.11 -7.09 -9.97
C ASN A 475 -22.52 -6.85 -9.43
N ASN A 476 -22.58 -6.26 -8.24
CA ASN A 476 -23.82 -5.72 -7.70
C ASN A 476 -23.73 -4.21 -7.53
N GLU A 477 -22.77 -3.58 -8.22
CA GLU A 477 -22.65 -2.13 -8.37
C GLU A 477 -22.47 -1.43 -7.02
N GLY A 478 -21.42 -1.81 -6.31
CA GLY A 478 -21.06 -1.12 -5.08
C GLY A 478 -20.60 -2.09 -4.01
N TYR A 479 -20.36 -1.53 -2.82
CA TYR A 479 -19.94 -2.29 -1.63
C TYR A 479 -21.20 -2.79 -0.94
N THR A 480 -21.64 -4.00 -1.27
CA THR A 480 -22.96 -4.41 -0.83
C THR A 480 -22.98 -5.11 0.53
N VAL A 481 -21.83 -5.57 1.01
CA VAL A 481 -21.72 -6.14 2.34
C VAL A 481 -21.83 -4.97 3.34
N GLU A 482 -21.27 -3.82 2.97
CA GLU A 482 -21.34 -2.63 3.81
C GLU A 482 -22.79 -2.17 3.85
N ARG A 483 -23.47 -2.26 2.72
CA ARG A 483 -24.87 -1.87 2.61
C ARG A 483 -25.66 -2.65 3.64
N ALA A 484 -25.32 -3.91 3.83
CA ALA A 484 -25.99 -4.72 4.83
C ALA A 484 -25.59 -4.34 6.25
N ILE A 485 -24.38 -3.82 6.43
CA ILE A 485 -23.94 -3.42 7.77
C ILE A 485 -24.58 -2.09 8.16
N HIS A 486 -24.40 -1.06 7.34
CA HIS A 486 -24.84 0.28 7.70
C HIS A 486 -24.91 1.15 6.46
N GLY A 487 -25.93 1.98 6.38
CA GLY A 487 -26.10 2.94 5.31
C GLY A 487 -26.22 2.32 3.93
N PRO A 488 -27.28 1.54 3.70
CA PRO A 488 -27.44 0.91 2.38
C PRO A 488 -27.61 1.92 1.24
N GLU A 489 -28.23 3.07 1.51
CA GLU A 489 -28.44 4.07 0.48
C GLU A 489 -27.39 5.18 0.51
N GLN A 490 -26.41 5.10 1.40
CA GLN A 490 -25.38 6.13 1.49
C GLN A 490 -24.39 6.01 0.35
N ARG A 491 -24.06 7.15 -0.27
CA ARG A 491 -23.19 7.16 -1.43
C ARG A 491 -21.77 6.68 -1.12
N TYR A 492 -21.37 6.59 0.15
CA TYR A 492 -20.05 6.07 0.44
C TYR A 492 -19.94 4.56 0.18
N ASN A 493 -21.06 3.88 -0.02
CA ASN A 493 -21.08 2.47 -0.41
C ASN A 493 -21.11 2.29 -1.94
N ASP A 494 -21.15 3.38 -2.70
CA ASP A 494 -21.06 3.33 -4.14
C ASP A 494 -19.59 3.32 -4.59
N ILE A 495 -19.38 2.87 -5.82
CA ILE A 495 -18.06 2.84 -6.44
C ILE A 495 -18.17 3.36 -7.86
N ALA A 496 -17.01 3.65 -8.46
CA ALA A 496 -16.97 3.88 -9.90
C ALA A 496 -17.41 2.60 -10.61
N LEU A 497 -18.29 2.75 -11.60
CA LEU A 497 -18.81 1.62 -12.35
C LEU A 497 -17.87 1.34 -13.52
N TRP A 498 -17.22 0.19 -13.49
CA TRP A 498 -16.24 -0.18 -14.50
C TRP A 498 -16.91 -1.04 -15.56
N ASN A 499 -16.25 -1.11 -16.72
CA ASN A 499 -16.67 -1.95 -17.84
C ASN A 499 -15.80 -3.21 -17.81
N TRP A 500 -16.21 -4.15 -16.96
CA TRP A 500 -15.33 -5.25 -16.57
C TRP A 500 -14.87 -6.09 -17.75
N THR A 501 -15.78 -6.37 -18.70
CA THR A 501 -15.40 -7.24 -19.81
C THR A 501 -14.42 -6.56 -20.77
N GLN A 502 -14.15 -5.26 -20.60
CA GLN A 502 -13.23 -4.53 -21.45
C GLN A 502 -11.87 -4.32 -20.81
N ILE A 503 -11.66 -4.78 -19.58
CA ILE A 503 -10.42 -4.51 -18.87
C ILE A 503 -9.26 -5.33 -19.43
N PRO A 504 -9.41 -6.64 -19.70
CA PRO A 504 -8.27 -7.38 -20.28
C PRO A 504 -7.71 -6.77 -21.56
N GLN A 505 -8.58 -6.30 -22.46
CA GLN A 505 -8.08 -5.68 -23.68
C GLN A 505 -7.46 -4.31 -23.43
N ALA A 506 -7.64 -3.74 -22.23
CA ALA A 506 -6.95 -2.51 -21.88
C ALA A 506 -5.60 -2.76 -21.22
N LEU A 507 -5.47 -3.84 -20.46
CA LEU A 507 -4.23 -4.14 -19.74
C LEU A 507 -3.34 -5.12 -20.50
N SER A 508 -3.60 -5.32 -21.78
CA SER A 508 -2.79 -6.20 -22.61
C SER A 508 -2.97 -5.78 -24.06
N LEU A 509 -1.90 -5.85 -24.84
CA LEU A 509 -2.01 -5.62 -26.28
C LEU A 509 -2.52 -6.87 -27.02
N ASP A 510 -2.49 -8.03 -26.37
CA ASP A 510 -2.92 -9.29 -26.98
C ASP A 510 -3.41 -10.19 -25.87
N PRO A 511 -4.53 -9.82 -25.24
CA PRO A 511 -4.96 -10.54 -24.01
C PRO A 511 -5.32 -11.99 -24.24
N GLN A 512 -5.90 -12.34 -25.38
CA GLN A 512 -6.38 -13.68 -25.64
C GLN A 512 -7.22 -14.17 -24.46
N ALA A 513 -8.25 -13.41 -24.14
CA ALA A 513 -9.04 -13.65 -22.96
C ALA A 513 -10.48 -13.82 -23.40
N GLN A 514 -11.25 -14.55 -22.60
CA GLN A 514 -12.65 -14.79 -22.95
C GLN A 514 -13.50 -14.16 -21.86
N CYS A 515 -14.35 -13.23 -22.27
CA CYS A 515 -15.12 -12.43 -21.33
C CYS A 515 -16.60 -12.59 -21.62
N TRP A 516 -17.38 -12.74 -20.57
CA TRP A 516 -18.82 -12.76 -20.66
C TRP A 516 -19.41 -11.86 -19.58
N ARG A 517 -20.59 -11.32 -19.89
CA ARG A 517 -21.44 -10.68 -18.90
C ARG A 517 -22.72 -11.50 -18.87
N VAL A 518 -23.09 -11.99 -17.69
CA VAL A 518 -24.22 -12.89 -17.55
C VAL A 518 -25.19 -12.31 -16.54
N SER A 519 -26.48 -12.53 -16.79
CA SER A 519 -27.53 -12.11 -15.89
C SER A 519 -28.49 -13.22 -15.52
N GLU A 520 -28.44 -14.37 -16.19
CA GLU A 520 -29.33 -15.49 -15.93
C GLU A 520 -28.52 -16.70 -15.49
N ALA A 521 -29.15 -17.52 -14.65
CA ALA A 521 -28.48 -18.72 -14.14
C ALA A 521 -28.07 -19.64 -15.29
N GLU A 522 -28.93 -19.76 -16.30
CA GLU A 522 -28.64 -20.67 -17.41
C GLU A 522 -27.49 -20.17 -18.29
N GLN A 523 -27.36 -18.85 -18.50
CA GLN A 523 -26.17 -18.36 -19.20
C GLN A 523 -24.92 -18.68 -18.41
N LEU A 524 -24.97 -18.50 -17.09
CA LEU A 524 -23.82 -18.80 -16.25
C LEU A 524 -23.46 -20.28 -16.34
N ALA A 525 -24.45 -21.16 -16.32
CA ALA A 525 -24.17 -22.59 -16.46
C ALA A 525 -23.53 -22.88 -17.80
N ASP A 526 -24.04 -22.27 -18.87
CA ASP A 526 -23.47 -22.46 -20.20
C ASP A 526 -22.03 -21.98 -20.26
N VAL A 527 -21.77 -20.78 -19.73
CA VAL A 527 -20.44 -20.20 -19.80
C VAL A 527 -19.44 -21.04 -19.03
N LEU A 528 -19.83 -21.52 -17.85
CA LEU A 528 -18.93 -22.35 -17.05
C LEU A 528 -18.54 -23.62 -17.78
N GLU A 529 -19.47 -24.20 -18.57
CA GLU A 529 -19.09 -25.35 -19.38
C GLU A 529 -18.02 -24.99 -20.39
N LYS A 530 -18.09 -23.78 -20.97
CA LYS A 530 -17.16 -23.41 -22.02
C LYS A 530 -15.76 -23.14 -21.48
N VAL A 531 -15.65 -22.63 -20.24
CA VAL A 531 -14.35 -22.34 -19.65
C VAL A 531 -13.88 -23.45 -18.73
N ALA A 532 -14.55 -24.61 -18.75
CA ALA A 532 -14.24 -25.67 -17.77
C ALA A 532 -12.79 -26.11 -17.86
N HIS A 533 -12.21 -26.14 -19.05
CA HIS A 533 -10.83 -26.59 -19.23
C HIS A 533 -9.84 -25.43 -19.31
N HIS A 534 -10.30 -24.20 -19.08
CA HIS A 534 -9.44 -23.04 -18.83
C HIS A 534 -8.26 -22.95 -19.78
N GLU A 535 -8.57 -22.98 -21.09
CA GLU A 535 -7.54 -22.83 -22.11
C GLU A 535 -7.11 -21.38 -22.31
N ARG A 536 -7.92 -20.43 -21.84
CA ARG A 536 -7.57 -19.02 -21.84
C ARG A 536 -7.99 -18.43 -20.50
N LEU A 537 -7.48 -17.24 -20.20
CA LEU A 537 -8.02 -16.47 -19.08
C LEU A 537 -9.46 -16.11 -19.40
N SER A 538 -10.34 -16.29 -18.42
CA SER A 538 -11.74 -15.93 -18.58
C SER A 538 -12.13 -14.94 -17.49
N LEU A 539 -12.89 -13.92 -17.88
CA LEU A 539 -13.48 -12.97 -16.94
C LEU A 539 -14.98 -12.99 -17.16
N ILE A 540 -15.70 -13.39 -16.13
CA ILE A 540 -17.16 -13.50 -16.16
C ILE A 540 -17.71 -12.44 -15.21
N GLU A 541 -18.36 -11.42 -15.77
CA GLU A 541 -19.00 -10.39 -14.97
C GLU A 541 -20.40 -10.89 -14.64
N VAL A 542 -20.64 -11.16 -13.35
CA VAL A 542 -21.89 -11.77 -12.89
C VAL A 542 -22.78 -10.66 -12.36
N MET A 543 -23.88 -10.38 -13.07
CA MET A 543 -24.80 -9.33 -12.67
C MET A 543 -25.71 -9.86 -11.56
N LEU A 544 -25.63 -9.27 -10.38
CA LEU A 544 -26.38 -9.70 -9.22
C LEU A 544 -27.13 -8.52 -8.63
N PRO A 545 -28.23 -8.77 -7.92
CA PRO A 545 -28.99 -7.67 -7.32
C PRO A 545 -28.20 -6.95 -6.25
N LYS A 546 -28.49 -5.65 -6.10
CA LYS A 546 -27.72 -4.82 -5.19
C LYS A 546 -27.94 -5.22 -3.74
N ALA A 547 -29.17 -5.56 -3.37
CA ALA A 547 -29.50 -5.89 -1.99
C ALA A 547 -29.40 -7.38 -1.68
N ASP A 548 -29.00 -8.20 -2.66
CA ASP A 548 -28.99 -9.64 -2.44
C ASP A 548 -27.84 -10.04 -1.51
N ILE A 549 -28.16 -10.84 -0.51
CA ILE A 549 -27.21 -11.23 0.53
C ILE A 549 -27.23 -12.75 0.67
N PRO A 550 -26.07 -13.41 0.79
CA PRO A 550 -26.05 -14.86 1.04
C PRO A 550 -26.39 -15.16 2.48
N PRO A 551 -26.79 -16.41 2.79
CA PRO A 551 -27.32 -16.69 4.13
C PRO A 551 -26.41 -16.33 5.30
N LEU A 552 -25.10 -16.58 5.20
CA LEU A 552 -24.21 -16.29 6.33
C LEU A 552 -24.10 -14.79 6.56
N LEU A 553 -24.03 -13.99 5.49
CA LEU A 553 -23.89 -12.55 5.63
C LEU A 553 -25.11 -11.96 6.37
N GLY A 554 -26.31 -12.43 6.03
CA GLY A 554 -27.50 -11.97 6.74
C GLY A 554 -27.46 -12.29 8.22
N ALA A 555 -26.75 -13.37 8.59
CA ALA A 555 -26.62 -13.76 9.99
C ALA A 555 -25.43 -13.10 10.68
N ILE A 556 -24.42 -12.67 9.92
CA ILE A 556 -23.31 -11.95 10.51
C ILE A 556 -23.73 -10.54 10.85
N THR A 557 -24.48 -9.90 9.96
CA THR A 557 -25.06 -8.58 10.22
C THR A 557 -26.47 -8.67 10.82
N LYS A 558 -26.67 -9.54 11.80
CA LYS A 558 -27.82 -9.49 12.69
C LYS A 558 -27.42 -9.79 14.13
N ALA A 559 -26.21 -10.29 14.35
CA ALA A 559 -25.57 -10.42 15.65
C ALA A 559 -24.91 -9.12 16.08
N LEU A 560 -24.56 -8.27 15.11
CA LEU A 560 -23.83 -7.02 15.29
C LEU A 560 -24.74 -5.80 15.36
N GLU A 561 -25.90 -5.85 14.71
CA GLU A 561 -26.78 -4.69 14.62
C GLU A 561 -27.36 -4.27 15.97
N ALA A 562 -27.39 -5.17 16.95
CA ALA A 562 -27.82 -4.89 18.33
C ALA A 562 -27.54 -3.47 18.80
N THR B 17 -29.78 13.89 15.82
CA THR B 17 -28.34 13.88 15.58
C THR B 17 -27.62 14.97 16.37
N PRO B 18 -27.45 14.76 17.66
CA PRO B 18 -26.74 15.75 18.47
C PRO B 18 -25.28 15.87 18.07
N TYR B 19 -24.75 17.08 18.23
CA TYR B 19 -23.34 17.35 17.92
C TYR B 19 -22.42 16.47 18.77
N CYS B 20 -21.48 15.79 18.11
CA CYS B 20 -20.65 14.80 18.78
C CYS B 20 -19.19 14.96 18.35
N VAL B 21 -18.34 14.09 18.88
CA VAL B 21 -16.91 14.16 18.60
C VAL B 21 -16.64 14.10 17.10
N ALA B 22 -17.40 13.26 16.40
CA ALA B 22 -17.28 13.19 14.94
C ALA B 22 -17.46 14.56 14.29
N ASP B 23 -18.47 15.31 14.75
CA ASP B 23 -18.71 16.64 14.18
C ASP B 23 -17.61 17.62 14.55
N TYR B 24 -17.09 17.52 15.79
CA TYR B 24 -16.01 18.40 16.22
C TYR B 24 -14.77 18.20 15.35
N LEU B 25 -14.41 16.94 15.07
CA LEU B 25 -13.29 16.68 14.18
C LEU B 25 -13.53 17.28 12.80
N LEU B 26 -14.74 17.14 12.26
CA LEU B 26 -15.04 17.66 10.93
C LEU B 26 -14.99 19.18 10.91
N ASP B 27 -15.49 19.84 11.96
CA ASP B 27 -15.40 21.29 12.04
C ASP B 27 -13.95 21.74 12.09
N ARG B 28 -13.10 21.01 12.82
CA ARG B 28 -11.68 21.36 12.87
C ARG B 28 -11.00 21.12 11.53
N LEU B 29 -11.42 20.10 10.78
CA LEU B 29 -10.89 19.88 9.44
C LEU B 29 -11.08 21.12 8.57
N THR B 30 -12.30 21.67 8.55
CA THR B 30 -12.56 22.86 7.74
C THR B 30 -11.76 24.05 8.24
N ASP B 31 -11.59 24.17 9.56
CA ASP B 31 -10.75 25.23 10.11
C ASP B 31 -9.34 25.17 9.52
N CYS B 32 -8.84 23.96 9.27
CA CYS B 32 -7.47 23.79 8.84
C CYS B 32 -7.29 23.93 7.33
N GLY B 33 -8.37 24.13 6.57
CA GLY B 33 -8.28 24.38 5.15
C GLY B 33 -8.76 23.25 4.27
N ALA B 34 -9.23 22.15 4.85
CA ALA B 34 -9.71 21.01 4.10
C ALA B 34 -11.20 21.12 3.85
N ASP B 35 -11.60 21.03 2.58
CA ASP B 35 -13.00 20.97 2.20
C ASP B 35 -13.40 19.59 1.73
N HIS B 36 -12.48 18.62 1.74
CA HIS B 36 -12.73 17.27 1.28
C HIS B 36 -12.08 16.27 2.23
N LEU B 37 -12.62 15.05 2.23
CA LEU B 37 -12.06 13.93 2.97
C LEU B 37 -11.91 12.76 2.00
N PHE B 38 -10.67 12.31 1.78
CA PHE B 38 -10.41 11.18 0.91
C PHE B 38 -10.33 9.89 1.72
N GLY B 39 -10.74 8.78 1.12
CA GLY B 39 -10.48 7.51 1.79
C GLY B 39 -11.29 6.37 1.21
N VAL B 40 -11.36 5.30 1.99
CA VAL B 40 -12.06 4.07 1.64
C VAL B 40 -12.88 3.66 2.86
N PRO B 41 -14.17 3.36 2.70
CA PRO B 41 -15.00 3.01 3.87
C PRO B 41 -14.69 1.63 4.41
N GLY B 42 -15.12 1.42 5.65
CA GLY B 42 -15.09 0.12 6.29
C GLY B 42 -16.00 0.16 7.50
N ASP B 43 -16.39 -1.03 7.97
CA ASP B 43 -17.42 -1.10 9.00
C ASP B 43 -17.02 -0.29 10.24
N TYR B 44 -15.73 -0.18 10.53
CA TYR B 44 -15.28 0.56 11.69
C TYR B 44 -15.40 2.08 11.52
N ASN B 45 -15.64 2.60 10.31
CA ASN B 45 -15.78 4.04 10.16
C ASN B 45 -17.07 4.50 9.48
N LEU B 46 -18.01 3.57 9.24
CA LEU B 46 -19.21 3.92 8.46
C LEU B 46 -20.04 4.98 9.16
N GLN B 47 -20.21 4.84 10.48
CA GLN B 47 -21.03 5.79 11.24
C GLN B 47 -20.38 7.16 11.32
N PHE B 48 -19.05 7.21 11.41
CA PHE B 48 -18.36 8.49 11.23
C PHE B 48 -18.62 9.04 9.84
N LEU B 49 -18.65 8.16 8.83
CA LEU B 49 -18.89 8.60 7.45
C LEU B 49 -20.25 9.23 7.27
N ASP B 50 -21.25 8.81 8.07
CA ASP B 50 -22.55 9.47 8.01
C ASP B 50 -22.41 10.96 8.31
N HIS B 51 -21.56 11.31 9.27
CA HIS B 51 -21.36 12.72 9.61
C HIS B 51 -20.64 13.46 8.49
N VAL B 52 -19.72 12.80 7.80
CA VAL B 52 -19.06 13.43 6.66
C VAL B 52 -20.07 13.72 5.56
N ILE B 53 -20.92 12.74 5.25
CA ILE B 53 -21.90 12.92 4.19
C ILE B 53 -22.88 14.03 4.55
N ASP B 54 -23.38 14.02 5.77
CA ASP B 54 -24.35 15.03 6.21
C ASP B 54 -23.72 16.41 6.35
N SER B 55 -22.41 16.48 6.52
CA SER B 55 -21.76 17.76 6.76
C SER B 55 -21.89 18.67 5.54
N PRO B 56 -22.29 19.93 5.71
CA PRO B 56 -22.35 20.84 4.57
C PRO B 56 -20.99 21.40 4.16
N ASP B 57 -19.95 21.20 4.97
CA ASP B 57 -18.65 21.81 4.73
C ASP B 57 -17.58 20.82 4.27
N ILE B 58 -17.82 19.52 4.42
CA ILE B 58 -16.84 18.50 4.06
C ILE B 58 -17.49 17.56 3.06
N CYS B 59 -16.80 17.30 1.96
CA CYS B 59 -17.29 16.47 0.88
C CYS B 59 -16.49 15.18 0.86
N TRP B 60 -17.18 14.06 0.96
CA TRP B 60 -16.51 12.76 0.95
C TRP B 60 -16.05 12.42 -0.46
N VAL B 61 -14.79 12.00 -0.57
CA VAL B 61 -14.24 11.57 -1.85
C VAL B 61 -13.79 10.13 -1.68
N GLY B 62 -14.62 9.19 -2.13
CA GLY B 62 -14.23 7.78 -2.09
C GLY B 62 -13.23 7.46 -3.18
N CYS B 63 -12.16 6.77 -2.82
CA CYS B 63 -11.09 6.42 -3.74
C CYS B 63 -11.05 4.90 -3.95
N ALA B 64 -10.35 4.50 -5.01
CA ALA B 64 -10.34 3.10 -5.42
C ALA B 64 -9.47 2.21 -4.53
N ASN B 65 -8.51 2.78 -3.79
CA ASN B 65 -7.87 2.06 -2.69
C ASN B 65 -7.22 3.07 -1.77
N GLU B 66 -6.69 2.57 -0.66
CA GLU B 66 -6.20 3.45 0.41
C GLU B 66 -4.84 4.06 0.07
N LEU B 67 -3.97 3.33 -0.63
CA LEU B 67 -2.71 3.94 -1.03
C LEU B 67 -2.96 5.13 -1.95
N ASN B 68 -3.84 4.95 -2.95
CA ASN B 68 -4.18 6.05 -3.84
C ASN B 68 -4.85 7.19 -3.09
N ALA B 69 -5.69 6.85 -2.11
CA ALA B 69 -6.36 7.87 -1.32
C ALA B 69 -5.36 8.74 -0.58
N SER B 70 -4.31 8.13 -0.02
CA SER B 70 -3.29 8.89 0.69
C SER B 70 -2.47 9.75 -0.27
N TYR B 71 -2.17 9.22 -1.47
CA TYR B 71 -1.50 10.03 -2.49
C TYR B 71 -2.37 11.22 -2.90
N ALA B 72 -3.68 10.99 -3.09
CA ALA B 72 -4.57 12.07 -3.51
C ALA B 72 -4.66 13.14 -2.43
N ALA B 73 -4.73 12.75 -1.16
CA ALA B 73 -4.73 13.72 -0.08
C ALA B 73 -3.45 14.56 -0.10
N ASP B 74 -2.31 13.90 -0.33
CA ASP B 74 -1.04 14.62 -0.46
C ASP B 74 -1.11 15.69 -1.54
N GLY B 75 -1.51 15.32 -2.75
CA GLY B 75 -1.64 16.31 -3.81
C GLY B 75 -2.62 17.41 -3.45
N TYR B 76 -3.71 17.05 -2.78
CA TYR B 76 -4.68 18.03 -2.31
C TYR B 76 -4.04 19.02 -1.34
N ALA B 77 -3.24 18.51 -0.39
CA ALA B 77 -2.63 19.39 0.60
C ALA B 77 -1.59 20.30 -0.04
N ARG B 78 -0.93 19.85 -1.11
CA ARG B 78 -0.01 20.72 -1.81
C ARG B 78 -0.72 21.81 -2.59
N CYS B 79 -2.04 21.73 -2.73
CA CYS B 79 -2.85 22.77 -3.35
C CYS B 79 -3.57 23.64 -2.33
N LYS B 80 -4.05 23.05 -1.24
CA LYS B 80 -4.84 23.77 -0.27
C LYS B 80 -4.12 24.02 1.06
N GLY B 81 -2.94 23.45 1.26
CA GLY B 81 -2.21 23.63 2.50
C GLY B 81 -2.56 22.66 3.60
N PHE B 82 -3.52 21.77 3.37
CA PHE B 82 -3.95 20.81 4.38
C PHE B 82 -4.81 19.76 3.71
N ALA B 83 -4.80 18.54 4.27
CA ALA B 83 -5.65 17.50 3.75
C ALA B 83 -5.94 16.48 4.84
N ALA B 84 -6.92 15.61 4.58
CA ALA B 84 -7.34 14.61 5.53
C ALA B 84 -7.64 13.30 4.80
N LEU B 85 -7.30 12.20 5.45
CA LEU B 85 -7.48 10.85 4.93
C LEU B 85 -8.23 10.02 5.96
N LEU B 86 -9.20 9.24 5.50
CA LEU B 86 -9.97 8.34 6.35
C LEU B 86 -9.80 6.90 5.89
N THR B 87 -9.33 6.03 6.80
CA THR B 87 -9.21 4.60 6.49
C THR B 87 -9.83 3.80 7.62
N THR B 88 -10.01 2.51 7.38
CA THR B 88 -10.48 1.61 8.43
C THR B 88 -9.30 0.94 9.12
N PHE B 89 -9.55 0.51 10.36
CA PHE B 89 -8.54 -0.12 11.21
C PHE B 89 -7.83 -1.26 10.49
N GLY B 90 -6.51 -1.25 10.58
CA GLY B 90 -5.67 -2.36 10.13
C GLY B 90 -5.49 -2.41 8.63
N VAL B 91 -6.49 -2.93 7.91
CA VAL B 91 -6.31 -3.16 6.48
C VAL B 91 -6.27 -1.83 5.74
N GLY B 92 -7.01 -0.83 6.20
CA GLY B 92 -7.03 0.46 5.54
C GLY B 92 -5.80 1.28 5.84
N GLU B 93 -5.50 1.47 7.13
CA GLU B 93 -4.38 2.34 7.51
C GLU B 93 -3.04 1.79 7.01
N LEU B 94 -2.85 0.47 7.09
CA LEU B 94 -1.57 -0.08 6.64
C LEU B 94 -1.41 0.01 5.13
N SER B 95 -2.52 0.01 4.39
CA SER B 95 -2.46 0.23 2.95
C SER B 95 -2.02 1.65 2.62
N ALA B 96 -2.28 2.61 3.50
CA ALA B 96 -1.97 4.00 3.23
C ALA B 96 -0.61 4.43 3.77
N MET B 97 0.17 3.50 4.32
CA MET B 97 1.32 3.93 5.10
C MET B 97 2.41 4.53 4.23
N ASN B 98 2.60 4.01 3.01
CA ASN B 98 3.58 4.60 2.08
C ASN B 98 3.20 6.03 1.70
N GLY B 99 1.90 6.33 1.60
CA GLY B 99 1.49 7.69 1.33
C GLY B 99 1.80 8.65 2.47
N ILE B 100 1.45 8.24 3.70
CA ILE B 100 1.75 9.08 4.86
C ILE B 100 3.26 9.25 5.02
N ALA B 101 4.03 8.20 4.75
CA ALA B 101 5.49 8.31 4.83
C ALA B 101 6.00 9.36 3.85
N GLY B 102 5.49 9.34 2.62
CA GLY B 102 5.90 10.35 1.65
C GLY B 102 5.48 11.74 2.07
N SER B 103 4.30 11.86 2.69
CA SER B 103 3.88 13.17 3.18
C SER B 103 4.80 13.64 4.32
N TYR B 104 5.22 12.71 5.19
CA TYR B 104 6.16 13.08 6.23
C TYR B 104 7.50 13.52 5.64
N ALA B 105 8.02 12.73 4.69
CA ALA B 105 9.32 13.01 4.11
C ALA B 105 9.36 14.37 3.44
N GLU B 106 8.30 14.74 2.73
CA GLU B 106 8.29 15.98 1.96
C GLU B 106 7.50 17.07 2.65
N HIS B 107 7.19 16.90 3.94
CA HIS B 107 6.57 17.92 4.78
C HIS B 107 5.21 18.35 4.22
N VAL B 108 4.32 17.38 4.07
CA VAL B 108 2.97 17.63 3.57
C VAL B 108 1.98 17.33 4.69
N PRO B 109 1.17 18.30 5.13
CA PRO B 109 0.26 18.08 6.27
C PRO B 109 -1.03 17.34 5.91
N VAL B 110 -0.96 16.00 5.95
CA VAL B 110 -2.13 15.14 5.74
C VAL B 110 -2.51 14.50 7.06
N LEU B 111 -3.77 14.65 7.45
CA LEU B 111 -4.30 14.04 8.66
C LEU B 111 -4.84 12.65 8.34
N HIS B 112 -4.32 11.63 9.01
CA HIS B 112 -4.78 10.25 8.85
C HIS B 112 -5.75 9.93 9.97
N ILE B 113 -7.03 9.81 9.64
CA ILE B 113 -8.07 9.42 10.57
C ILE B 113 -8.34 7.94 10.35
N VAL B 114 -8.28 7.16 11.42
CA VAL B 114 -8.44 5.71 11.34
C VAL B 114 -9.67 5.33 12.17
N GLY B 115 -10.72 4.87 11.50
CA GLY B 115 -11.86 4.32 12.23
C GLY B 115 -11.52 2.97 12.81
N ALA B 116 -11.82 2.79 14.10
CA ALA B 116 -11.35 1.66 14.88
C ALA B 116 -12.50 0.99 15.61
N PRO B 117 -12.31 -0.25 16.05
CA PRO B 117 -13.34 -0.92 16.87
C PRO B 117 -13.64 -0.13 18.14
N GLY B 118 -14.85 -0.31 18.65
CA GLY B 118 -15.23 0.38 19.88
C GLY B 118 -14.32 0.02 21.03
N THR B 119 -14.22 0.95 21.98
CA THR B 119 -13.24 0.82 23.07
C THR B 119 -13.45 -0.45 23.87
N ALA B 120 -14.70 -0.78 24.19
CA ALA B 120 -14.99 -1.98 24.96
C ALA B 120 -14.47 -3.23 24.25
N SER B 121 -14.72 -3.32 22.93
CA SER B 121 -14.21 -4.45 22.17
C SER B 121 -12.70 -4.54 22.24
N GLN B 122 -12.02 -3.38 22.17
CA GLN B 122 -10.57 -3.35 22.29
C GLN B 122 -10.12 -3.79 23.67
N GLN B 123 -10.83 -3.35 24.71
CA GLN B 123 -10.46 -3.69 26.08
C GLN B 123 -10.58 -5.18 26.34
N ARG B 124 -11.53 -5.85 25.68
CA ARG B 124 -11.74 -7.27 25.87
C ARG B 124 -10.78 -8.13 25.06
N GLY B 125 -9.97 -7.54 24.19
CA GLY B 125 -9.04 -8.31 23.38
C GLY B 125 -9.70 -9.29 22.45
N GLU B 126 -10.83 -8.91 21.86
CA GLU B 126 -11.59 -9.83 21.02
C GLU B 126 -10.83 -10.15 19.73
N LEU B 127 -11.09 -11.34 19.19
CA LEU B 127 -10.48 -11.78 17.93
C LEU B 127 -11.30 -11.22 16.77
N LEU B 128 -11.05 -9.95 16.48
CA LEU B 128 -11.83 -9.18 15.52
C LEU B 128 -11.14 -9.14 14.16
N HIS B 129 -11.93 -8.97 13.11
CA HIS B 129 -11.37 -8.78 11.78
C HIS B 129 -10.54 -7.52 11.72
N HIS B 130 -9.53 -7.53 10.83
CA HIS B 130 -8.51 -6.49 10.70
C HIS B 130 -7.59 -6.40 11.91
N THR B 131 -7.45 -7.47 12.69
CA THR B 131 -6.40 -7.55 13.70
C THR B 131 -5.43 -8.66 13.33
N LEU B 132 -4.32 -8.73 14.08
CA LEU B 132 -3.40 -9.84 13.94
C LEU B 132 -3.87 -11.08 14.68
N GLY B 133 -5.07 -11.05 15.25
CA GLY B 133 -5.59 -12.21 15.95
C GLY B 133 -4.99 -12.45 17.32
N ASP B 134 -4.40 -11.41 17.93
CA ASP B 134 -3.75 -11.51 19.23
C ASP B 134 -4.44 -10.67 20.30
N GLY B 135 -5.58 -10.06 20.00
CA GLY B 135 -6.26 -9.21 20.96
C GLY B 135 -5.64 -7.85 21.16
N GLU B 136 -4.70 -7.45 20.29
CA GLU B 136 -3.96 -6.21 20.45
C GLU B 136 -4.46 -5.20 19.42
N PHE B 137 -4.74 -3.98 19.87
CA PHE B 137 -5.35 -2.97 19.00
C PHE B 137 -4.49 -1.72 18.85
N ARG B 138 -3.24 -1.76 19.32
CA ARG B 138 -2.37 -0.60 19.22
C ARG B 138 -1.11 -0.84 18.39
N HIS B 139 -0.96 -2.01 17.76
CA HIS B 139 0.19 -2.24 16.90
C HIS B 139 0.29 -1.15 15.84
N PHE B 140 -0.83 -0.86 15.18
CA PHE B 140 -0.79 -0.03 13.98
C PHE B 140 -0.61 1.43 14.33
N TYR B 141 -1.21 1.87 15.43
CA TYR B 141 -0.93 3.19 15.98
C TYR B 141 0.56 3.39 16.22
N HIS B 142 1.23 2.37 16.78
CA HIS B 142 2.65 2.51 17.06
C HIS B 142 3.47 2.49 15.77
N MET B 143 3.05 1.69 14.79
CA MET B 143 3.79 1.67 13.53
C MET B 143 3.72 3.00 12.79
N SER B 144 2.69 3.81 13.04
CA SER B 144 2.59 5.11 12.40
C SER B 144 3.41 6.19 13.09
N GLU B 145 4.02 5.89 14.24
CA GLU B 145 4.73 6.92 15.00
C GLU B 145 5.88 7.56 14.23
N PRO B 146 6.76 6.82 13.54
CA PRO B 146 7.89 7.48 12.87
C PRO B 146 7.49 8.37 11.71
N ILE B 147 6.28 8.25 11.17
CA ILE B 147 5.91 9.00 9.98
C ILE B 147 4.83 10.05 10.30
N THR B 148 4.66 10.42 11.57
CA THR B 148 3.77 11.49 11.95
C THR B 148 4.46 12.39 12.98
N VAL B 149 4.12 13.67 12.98
CA VAL B 149 4.66 14.57 14.00
C VAL B 149 3.83 14.53 15.26
N ALA B 150 2.59 14.07 15.18
CA ALA B 150 1.74 13.98 16.35
C ALA B 150 0.69 12.92 16.08
N GLN B 151 0.28 12.23 17.13
CA GLN B 151 -0.77 11.24 17.00
C GLN B 151 -1.47 11.11 18.35
N ALA B 152 -2.68 10.56 18.30
CA ALA B 152 -3.46 10.39 19.51
C ALA B 152 -4.44 9.25 19.31
N ILE B 153 -4.71 8.52 20.40
CA ILE B 153 -5.84 7.61 20.47
C ILE B 153 -6.96 8.35 21.19
N LEU B 154 -8.05 8.60 20.48
CA LEU B 154 -9.12 9.43 21.01
C LEU B 154 -9.96 8.61 21.98
N THR B 155 -10.26 9.21 23.13
CA THR B 155 -11.12 8.61 24.14
C THR B 155 -12.21 9.62 24.49
N GLU B 156 -13.21 9.12 25.21
CA GLU B 156 -14.27 10.00 25.70
C GLU B 156 -13.69 11.09 26.60
N GLN B 157 -12.55 10.82 27.25
CA GLN B 157 -11.98 11.72 28.24
C GLN B 157 -11.00 12.73 27.64
N ASN B 158 -10.54 12.54 26.40
CA ASN B 158 -9.53 13.42 25.83
C ASN B 158 -9.86 13.96 24.45
N ALA B 159 -11.00 13.59 23.87
CA ALA B 159 -11.22 13.70 22.42
C ALA B 159 -10.88 15.08 21.87
N CYS B 160 -11.57 16.12 22.35
CA CYS B 160 -11.50 17.40 21.67
C CYS B 160 -10.15 18.08 21.82
N TYR B 161 -9.49 17.94 22.98
CA TYR B 161 -8.20 18.61 23.08
C TYR B 161 -7.09 17.80 22.41
N GLU B 162 -7.24 16.48 22.30
CA GLU B 162 -6.29 15.71 21.50
C GLU B 162 -6.45 15.99 20.01
N ILE B 163 -7.68 16.18 19.55
CA ILE B 163 -7.89 16.60 18.16
C ILE B 163 -7.20 17.92 17.90
N ASP B 164 -7.38 18.89 18.80
CA ASP B 164 -6.77 20.21 18.60
C ASP B 164 -5.25 20.14 18.72
N ARG B 165 -4.73 19.34 19.65
CA ARG B 165 -3.29 19.21 19.78
C ARG B 165 -2.66 18.69 18.49
N VAL B 166 -3.21 17.61 17.94
CA VAL B 166 -2.60 16.96 16.79
C VAL B 166 -2.64 17.86 15.56
N LEU B 167 -3.80 18.48 15.29
CA LEU B 167 -3.93 19.38 14.16
C LEU B 167 -3.03 20.60 14.31
N THR B 168 -2.98 21.18 15.50
CA THR B 168 -2.11 22.32 15.75
C THR B 168 -0.65 21.94 15.51
N THR B 169 -0.24 20.77 15.97
CA THR B 169 1.12 20.32 15.72
C THR B 169 1.37 20.14 14.23
N MET B 170 0.39 19.59 13.50
CA MET B 170 0.58 19.47 12.05
C MET B 170 0.73 20.82 11.39
N LEU B 171 -0.07 21.81 11.80
CA LEU B 171 0.03 23.15 11.20
C LEU B 171 1.39 23.77 11.44
N ARG B 172 1.95 23.58 12.65
CA ARG B 172 3.27 24.13 12.96
C ARG B 172 4.35 23.46 12.15
N GLU B 173 4.36 22.12 12.11
CA GLU B 173 5.43 21.39 11.47
C GLU B 173 5.17 21.09 9.99
N ARG B 174 3.95 21.33 9.51
CA ARG B 174 3.56 21.02 8.14
C ARG B 174 3.88 19.57 7.81
N ARG B 175 3.35 18.65 8.63
CA ARG B 175 3.65 17.24 8.49
C ARG B 175 2.43 16.44 8.94
N PRO B 176 2.37 15.15 8.60
CA PRO B 176 1.16 14.36 8.91
C PRO B 176 0.91 14.17 10.39
N GLY B 177 -0.38 14.00 10.71
CA GLY B 177 -0.80 13.59 12.03
C GLY B 177 -1.69 12.35 11.91
N TYR B 178 -1.95 11.73 13.06
CA TYR B 178 -2.69 10.48 13.10
C TYR B 178 -3.68 10.53 14.25
N LEU B 179 -4.91 10.10 14.00
CA LEU B 179 -5.93 9.99 15.02
C LEU B 179 -6.61 8.64 14.88
N MET B 180 -6.60 7.85 15.95
CA MET B 180 -7.43 6.66 15.96
C MET B 180 -8.76 7.04 16.60
N LEU B 181 -9.85 6.76 15.90
CA LEU B 181 -11.19 7.16 16.31
C LEU B 181 -12.03 5.91 16.51
N PRO B 182 -12.06 5.36 17.72
CA PRO B 182 -12.99 4.24 17.99
C PRO B 182 -14.42 4.69 17.75
N ALA B 183 -15.22 3.76 17.23
CA ALA B 183 -16.57 4.11 16.78
C ALA B 183 -17.41 4.69 17.91
N ASP B 184 -17.27 4.15 19.13
CA ASP B 184 -18.08 4.65 20.24
C ASP B 184 -17.66 6.06 20.63
N VAL B 185 -16.36 6.36 20.55
CA VAL B 185 -15.88 7.70 20.90
C VAL B 185 -16.43 8.73 19.93
N ALA B 186 -16.54 8.38 18.64
CA ALA B 186 -17.02 9.33 17.65
C ALA B 186 -18.43 9.83 17.96
N LYS B 187 -19.21 9.05 18.71
CA LYS B 187 -20.59 9.41 19.02
C LYS B 187 -20.73 10.20 20.31
N LYS B 188 -19.66 10.35 21.08
CA LYS B 188 -19.80 10.97 22.39
C LYS B 188 -20.10 12.46 22.21
N ALA B 189 -20.89 12.99 23.15
CA ALA B 189 -21.34 14.36 23.04
C ALA B 189 -20.16 15.33 23.02
N ALA B 190 -20.29 16.38 22.24
CA ALA B 190 -19.27 17.42 22.15
C ALA B 190 -19.96 18.75 21.92
N THR B 191 -19.18 19.82 21.95
CA THR B 191 -19.73 21.16 21.81
C THR B 191 -19.06 21.85 20.62
N PRO B 192 -19.82 22.45 19.71
CA PRO B 192 -19.23 23.19 18.61
C PRO B 192 -18.37 24.34 19.12
N PRO B 193 -17.14 24.45 18.64
CA PRO B 193 -16.31 25.58 19.06
C PRO B 193 -16.82 26.89 18.48
N VAL B 194 -16.58 27.97 19.22
CA VAL B 194 -16.98 29.29 18.76
C VAL B 194 -15.90 29.93 17.90
N ASN B 195 -14.64 29.65 18.18
CA ASN B 195 -13.51 30.18 17.44
C ASN B 195 -12.91 29.10 16.56
N ALA B 196 -12.47 29.48 15.36
CA ALA B 196 -11.78 28.55 14.50
C ALA B 196 -10.41 28.20 15.07
N LEU B 197 -9.94 27.00 14.76
CA LEU B 197 -8.60 26.60 15.16
C LEU B 197 -7.58 27.31 14.28
N THR B 198 -6.67 28.04 14.91
CA THR B 198 -5.60 28.75 14.21
C THR B 198 -4.30 28.54 14.95
N LEU B 199 -3.21 28.46 14.21
CA LEU B 199 -1.89 28.31 14.79
C LEU B 199 -1.34 29.72 15.03
N ARG B 200 -1.21 30.09 16.30
CA ARG B 200 -0.64 31.39 16.64
C ARG B 200 0.81 31.45 16.20
N HIS B 201 1.16 32.53 15.50
CA HIS B 201 2.51 32.66 14.97
C HIS B 201 3.51 32.79 16.11
N ALA B 202 4.51 31.92 16.12
CA ALA B 202 5.55 31.98 17.14
C ALA B 202 6.48 33.15 16.86
N HIS B 203 7.08 33.68 17.92
CA HIS B 203 8.03 34.78 17.81
C HIS B 203 9.29 34.42 18.57
N ALA B 204 10.43 34.60 17.91
CA ALA B 204 11.71 34.38 18.55
C ALA B 204 11.91 35.42 19.64
N ASP B 205 12.70 35.06 20.65
CA ASP B 205 13.16 36.06 21.61
C ASP B 205 13.90 37.14 20.84
N SER B 206 13.61 38.40 21.18
CA SER B 206 14.15 39.51 20.39
C SER B 206 15.68 39.53 20.43
N ALA B 207 16.28 39.17 21.57
CA ALA B 207 17.73 39.09 21.64
C ALA B 207 18.27 37.96 20.77
N CYS B 208 17.56 36.82 20.75
CA CYS B 208 17.96 35.72 19.89
C CYS B 208 17.84 36.08 18.41
N LEU B 209 16.77 36.75 18.02
CA LEU B 209 16.65 37.20 16.63
C LEU B 209 17.72 38.22 16.30
N LYS B 210 18.03 39.12 17.24
CA LYS B 210 19.09 40.10 17.04
C LYS B 210 20.42 39.43 16.71
N ALA B 211 20.75 38.33 17.40
CA ALA B 211 22.03 37.67 17.16
C ALA B 211 22.14 37.16 15.72
N PHE B 212 21.09 36.52 15.22
CA PHE B 212 21.11 36.06 13.84
C PHE B 212 21.18 37.24 12.87
N ARG B 213 20.40 38.29 13.15
CA ARG B 213 20.40 39.47 12.28
C ARG B 213 21.79 40.07 12.14
N ASP B 214 22.48 40.28 13.25
CA ASP B 214 23.81 40.89 13.20
C ASP B 214 24.79 40.03 12.42
N ALA B 215 24.79 38.71 12.68
CA ALA B 215 25.67 37.82 11.96
C ALA B 215 25.35 37.79 10.47
N ALA B 216 24.05 37.75 10.13
CA ALA B 216 23.66 37.78 8.73
C ALA B 216 24.08 39.08 8.06
N GLU B 217 23.89 40.20 8.76
CA GLU B 217 24.27 41.50 8.18
C GLU B 217 25.77 41.59 7.96
N ASN B 218 26.56 41.13 8.93
CA ASN B 218 28.01 41.21 8.80
C ASN B 218 28.49 40.44 7.59
N ARG B 219 27.86 39.30 7.30
CA ARG B 219 28.23 38.53 6.12
C ARG B 219 27.75 39.20 4.85
N LEU B 220 26.49 39.65 4.83
CA LEU B 220 25.95 40.28 3.62
C LEU B 220 26.64 41.61 3.31
N ALA B 221 27.06 42.34 4.35
CA ALA B 221 27.70 43.63 4.13
C ALA B 221 29.02 43.48 3.38
N MET B 222 29.67 42.32 3.45
CA MET B 222 30.92 42.10 2.76
C MET B 222 30.78 41.22 1.51
N SER B 223 29.56 40.88 1.11
CA SER B 223 29.37 40.03 -0.05
C SER B 223 29.33 40.89 -1.31
N LYS B 224 30.19 40.58 -2.29
CA LYS B 224 30.17 41.29 -3.55
C LYS B 224 28.99 40.88 -4.41
N ARG B 225 28.67 39.58 -4.44
CA ARG B 225 27.50 39.13 -5.18
C ARG B 225 26.80 38.04 -4.38
N THR B 226 25.49 38.23 -4.17
CA THR B 226 24.68 37.36 -3.35
C THR B 226 23.59 36.73 -4.19
N ALA B 227 23.39 35.42 -4.03
CA ALA B 227 22.35 34.69 -4.73
C ALA B 227 21.37 34.09 -3.74
N LEU B 228 20.17 33.79 -4.23
CA LEU B 228 19.08 33.28 -3.41
C LEU B 228 18.65 31.92 -3.95
N LEU B 229 18.66 30.91 -3.08
CA LEU B 229 18.22 29.56 -3.43
C LEU B 229 17.10 29.17 -2.47
N ALA B 230 15.88 29.07 -2.99
CA ALA B 230 14.71 28.73 -2.20
C ALA B 230 14.18 27.37 -2.64
N ASP B 231 13.60 26.62 -1.70
CA ASP B 231 13.07 25.32 -2.08
C ASP B 231 11.85 24.99 -1.22
N PHE B 232 11.51 23.70 -1.17
CA PHE B 232 10.13 23.25 -0.95
C PHE B 232 9.56 23.67 0.40
N LEU B 233 10.40 23.85 1.43
CA LEU B 233 9.86 24.27 2.72
C LEU B 233 9.23 25.66 2.62
N VAL B 234 9.69 26.48 1.68
CA VAL B 234 9.02 27.74 1.39
C VAL B 234 7.57 27.50 1.02
N LEU B 235 7.32 26.53 0.13
CA LEU B 235 5.96 26.23 -0.28
C LEU B 235 5.13 25.71 0.88
N ARG B 236 5.68 24.80 1.67
CA ARG B 236 4.90 24.13 2.70
C ARG B 236 4.45 25.11 3.78
N HIS B 237 5.28 26.08 4.12
CA HIS B 237 4.97 26.99 5.20
C HIS B 237 4.30 28.27 4.71
N GLY B 238 3.74 28.25 3.50
CA GLY B 238 2.95 29.36 2.99
C GLY B 238 3.73 30.62 2.68
N LEU B 239 4.99 30.48 2.27
CA LEU B 239 5.89 31.60 2.10
C LEU B 239 6.24 31.87 0.64
N LYS B 240 5.49 31.29 -0.31
CA LYS B 240 5.76 31.50 -1.72
C LYS B 240 5.71 32.98 -2.08
N HIS B 241 4.66 33.68 -1.65
CA HIS B 241 4.52 35.09 -2.01
C HIS B 241 5.61 35.94 -1.38
N ALA B 242 6.07 35.59 -0.18
CA ALA B 242 7.17 36.32 0.44
C ALA B 242 8.44 36.27 -0.42
N LEU B 243 8.76 35.10 -0.96
CA LEU B 243 9.97 34.98 -1.79
C LEU B 243 9.80 35.59 -3.17
N GLN B 244 8.62 35.53 -3.77
CA GLN B 244 8.42 36.23 -5.03
C GLN B 244 8.56 37.73 -4.84
N LYS B 245 7.94 38.27 -3.79
CA LYS B 245 8.07 39.70 -3.52
C LYS B 245 9.49 40.08 -3.15
N TRP B 246 10.19 39.18 -2.45
CA TRP B 246 11.60 39.37 -2.14
C TRP B 246 12.42 39.66 -3.39
N VAL B 247 12.33 38.79 -4.40
CA VAL B 247 13.14 38.97 -5.60
C VAL B 247 12.61 40.07 -6.50
N LYS B 248 11.34 40.44 -6.38
CA LYS B 248 10.84 41.59 -7.12
C LYS B 248 11.33 42.91 -6.51
N ASP B 249 11.31 43.00 -5.18
CA ASP B 249 11.78 44.21 -4.51
C ASP B 249 13.30 44.31 -4.50
N VAL B 250 13.98 43.17 -4.47
CA VAL B 250 15.44 43.14 -4.44
C VAL B 250 15.92 42.25 -5.58
N PRO B 251 16.10 42.79 -6.78
CA PRO B 251 16.56 41.95 -7.90
C PRO B 251 17.92 41.33 -7.58
N MET B 252 18.01 40.03 -7.83
CA MET B 252 19.26 39.29 -7.67
C MET B 252 19.08 37.92 -8.30
N ALA B 253 20.21 37.23 -8.52
CA ALA B 253 20.16 35.86 -9.01
C ALA B 253 19.40 34.99 -8.02
N HIS B 254 18.47 34.20 -8.54
CA HIS B 254 17.71 33.30 -7.68
C HIS B 254 17.36 32.04 -8.45
N ALA B 255 17.07 30.98 -7.70
CA ALA B 255 16.69 29.70 -8.28
C ALA B 255 16.04 28.86 -7.20
N THR B 256 15.45 27.76 -7.63
CA THR B 256 15.06 26.68 -6.75
C THR B 256 15.79 25.42 -7.18
N MET B 257 15.61 24.36 -6.39
CA MET B 257 15.94 23.02 -6.83
C MET B 257 14.66 22.36 -7.33
N LEU B 258 14.75 21.06 -7.63
CA LEU B 258 13.60 20.37 -8.24
C LEU B 258 12.38 20.40 -7.32
N MET B 259 12.59 20.18 -6.02
CA MET B 259 11.46 20.01 -5.11
C MET B 259 10.63 21.29 -4.99
N GLY B 260 11.30 22.43 -4.93
CA GLY B 260 10.62 23.69 -4.74
C GLY B 260 10.30 24.42 -6.02
N LYS B 261 10.51 23.79 -7.16
CA LYS B 261 10.20 24.41 -8.44
C LYS B 261 8.75 24.88 -8.45
N GLY B 262 8.52 26.07 -8.98
CA GLY B 262 7.22 26.72 -8.94
C GLY B 262 7.12 27.83 -7.91
N ILE B 263 8.11 27.98 -7.03
CA ILE B 263 8.14 29.14 -6.14
C ILE B 263 8.22 30.43 -6.95
N PHE B 264 9.02 30.43 -8.01
CA PHE B 264 9.35 31.64 -8.74
C PHE B 264 8.72 31.63 -10.12
N ASP B 265 8.32 32.82 -10.58
CA ASP B 265 8.08 33.03 -11.99
C ASP B 265 9.43 32.96 -12.69
N GLU B 266 9.63 31.92 -13.49
CA GLU B 266 10.95 31.63 -14.05
C GLU B 266 11.25 32.44 -15.30
N ARG B 267 10.34 33.30 -15.72
CA ARG B 267 10.62 34.29 -16.75
C ARG B 267 11.17 35.60 -16.18
N HIS B 268 11.12 35.77 -14.87
CA HIS B 268 11.52 37.02 -14.24
C HIS B 268 13.03 37.22 -14.31
N VAL B 269 13.45 38.48 -14.29
CA VAL B 269 14.87 38.80 -14.32
C VAL B 269 15.57 38.20 -13.10
N GLY B 270 16.77 37.66 -13.32
CA GLY B 270 17.55 37.04 -12.26
C GLY B 270 17.41 35.53 -12.18
N PHE B 271 16.43 34.94 -12.86
CA PHE B 271 16.28 33.49 -12.87
C PHE B 271 16.90 32.92 -14.14
N TYR B 272 17.78 31.93 -13.98
CA TYR B 272 18.52 31.35 -15.09
C TYR B 272 18.25 29.87 -15.27
N GLY B 273 17.45 29.25 -14.42
CA GLY B 273 17.17 27.83 -14.51
C GLY B 273 17.20 27.16 -13.14
N THR B 274 16.74 25.92 -13.08
CA THR B 274 16.70 25.18 -11.83
C THR B 274 18.08 24.66 -11.47
N TYR B 275 18.43 24.74 -10.18
CA TYR B 275 19.72 24.30 -9.67
C TYR B 275 19.67 22.81 -9.36
N SER B 276 20.63 22.06 -9.90
CA SER B 276 20.73 20.63 -9.63
C SER B 276 22.19 20.20 -9.51
N GLY B 277 22.98 20.97 -8.75
CA GLY B 277 24.38 20.60 -8.55
C GLY B 277 25.16 20.70 -9.85
N SER B 278 26.03 19.70 -10.07
CA SER B 278 26.89 19.69 -11.27
C SER B 278 26.09 19.47 -12.55
N ALA B 279 24.85 19.00 -12.44
CA ALA B 279 24.00 18.84 -13.60
C ALA B 279 23.36 20.14 -14.06
N SER B 280 23.51 21.22 -13.29
CA SER B 280 22.90 22.50 -13.63
C SER B 280 23.45 23.02 -14.96
N ALA B 281 22.62 23.82 -15.64
CA ALA B 281 23.11 24.57 -16.79
C ALA B 281 24.21 25.53 -16.37
N GLY B 282 25.07 25.88 -17.32
CA GLY B 282 26.23 26.72 -17.00
C GLY B 282 25.86 28.03 -16.36
N ALA B 283 24.80 28.68 -16.87
CA ALA B 283 24.38 29.96 -16.32
C ALA B 283 23.89 29.81 -14.89
N VAL B 284 23.25 28.68 -14.56
CA VAL B 284 22.81 28.46 -13.19
C VAL B 284 23.99 28.22 -12.26
N LYS B 285 24.96 27.42 -12.70
CA LYS B 285 26.12 27.14 -11.85
C LYS B 285 26.88 28.43 -11.53
N GLU B 286 27.00 29.33 -12.50
CA GLU B 286 27.67 30.60 -12.25
C GLU B 286 26.82 31.51 -11.37
N ALA B 287 25.51 31.52 -11.58
CA ALA B 287 24.64 32.41 -10.81
C ALA B 287 24.61 32.00 -9.34
N ILE B 288 24.53 30.70 -9.06
CA ILE B 288 24.40 30.21 -7.69
C ILE B 288 25.75 29.87 -7.10
N GLU B 289 26.44 28.89 -7.68
CA GLU B 289 27.70 28.45 -7.10
C GLU B 289 28.79 29.50 -7.22
N GLY B 290 28.66 30.44 -8.15
CA GLY B 290 29.64 31.50 -8.33
C GLY B 290 29.49 32.69 -7.40
N ALA B 291 28.37 32.79 -6.69
CA ALA B 291 28.16 33.89 -5.76
C ALA B 291 29.01 33.74 -4.50
N ASP B 292 29.41 34.87 -3.92
CA ASP B 292 30.17 34.83 -2.67
C ASP B 292 29.29 34.41 -1.50
N THR B 293 27.99 34.68 -1.58
CA THR B 293 27.05 34.31 -0.55
C THR B 293 25.77 33.81 -1.20
N VAL B 294 25.31 32.64 -0.76
CA VAL B 294 24.09 32.03 -1.26
C VAL B 294 23.16 31.85 -0.07
N LEU B 295 21.99 32.49 -0.14
CA LEU B 295 20.98 32.34 0.89
C LEU B 295 20.15 31.11 0.55
N CYS B 296 20.23 30.08 1.40
CA CYS B 296 19.52 28.82 1.19
C CYS B 296 18.29 28.82 2.09
N ILE B 297 17.11 28.96 1.48
CA ILE B 297 15.87 29.18 2.20
C ILE B 297 15.02 27.92 2.07
N GLY B 298 14.86 27.19 3.16
CA GLY B 298 14.04 25.99 3.16
C GLY B 298 14.56 24.91 2.24
N THR B 299 15.88 24.72 2.22
CA THR B 299 16.54 23.82 1.28
C THR B 299 16.91 22.51 1.97
N ARG B 300 16.82 21.41 1.21
CA ARG B 300 17.30 20.10 1.65
C ARG B 300 18.06 19.51 0.48
N PHE B 301 19.37 19.34 0.64
CA PHE B 301 20.25 18.96 -0.48
C PHE B 301 20.27 17.44 -0.61
N THR B 302 19.21 16.92 -1.23
CA THR B 302 19.09 15.48 -1.41
C THR B 302 19.96 15.00 -2.58
N ASP B 303 20.08 13.69 -2.65
CA ASP B 303 20.85 13.06 -3.70
C ASP B 303 20.29 13.46 -5.07
N THR B 304 18.99 13.36 -5.29
CA THR B 304 18.42 13.67 -6.57
C THR B 304 18.49 15.16 -6.88
N LEU B 305 18.25 15.99 -5.89
CA LEU B 305 18.29 17.40 -6.11
C LEU B 305 19.70 17.92 -6.40
N THR B 306 20.74 17.19 -6.05
CA THR B 306 22.08 17.71 -6.21
C THR B 306 22.93 16.88 -7.17
N ALA B 307 22.32 16.04 -8.01
CA ALA B 307 23.04 15.19 -8.95
C ALA B 307 24.09 14.34 -8.23
N GLY B 308 23.65 13.65 -7.18
CA GLY B 308 24.56 12.84 -6.39
C GLY B 308 25.52 13.62 -5.51
N PHE B 309 25.03 14.68 -4.84
CA PHE B 309 25.83 15.47 -3.91
C PHE B 309 27.04 16.09 -4.60
N THR B 310 26.85 16.58 -5.82
CA THR B 310 27.91 17.28 -6.55
C THR B 310 27.71 18.79 -6.53
N HIS B 311 26.86 19.28 -5.64
CA HIS B 311 26.73 20.73 -5.44
C HIS B 311 27.99 21.27 -4.80
N GLN B 312 28.37 22.49 -5.19
CA GLN B 312 29.58 23.13 -4.68
C GLN B 312 29.16 24.37 -3.90
N LEU B 313 28.80 24.16 -2.64
CA LEU B 313 28.39 25.24 -1.74
C LEU B 313 28.95 24.93 -0.37
N THR B 314 29.78 25.83 0.15
CA THR B 314 30.47 25.64 1.41
C THR B 314 29.72 26.33 2.55
N PRO B 315 30.01 25.97 3.80
CA PRO B 315 29.33 26.65 4.92
C PRO B 315 29.58 28.14 4.99
N SER B 316 30.83 28.59 4.83
CA SER B 316 31.10 30.03 4.89
C SER B 316 30.50 30.77 3.72
N GLN B 317 30.22 30.07 2.61
CA GLN B 317 29.58 30.66 1.45
C GLN B 317 28.08 30.87 1.63
N THR B 318 27.47 30.23 2.63
CA THR B 318 26.02 30.11 2.69
C THR B 318 25.45 30.65 3.99
N ILE B 319 24.21 31.14 3.89
CA ILE B 319 23.31 31.35 5.01
C ILE B 319 22.08 30.49 4.74
N GLU B 320 21.64 29.71 5.73
CA GLU B 320 20.51 28.82 5.49
C GLU B 320 19.43 29.02 6.55
N VAL B 321 18.18 28.89 6.11
CA VAL B 321 17.01 29.14 6.94
C VAL B 321 16.17 27.87 6.94
N GLN B 322 15.96 27.31 8.14
CA GLN B 322 15.14 26.14 8.35
C GLN B 322 13.92 26.52 9.20
N PRO B 323 12.93 25.64 9.34
CA PRO B 323 11.69 26.03 10.02
C PRO B 323 11.87 26.64 11.41
N HIS B 324 12.80 26.13 12.21
CA HIS B 324 12.96 26.61 13.58
C HIS B 324 14.35 27.13 13.89
N ALA B 325 15.25 27.19 12.91
CA ALA B 325 16.61 27.61 13.18
C ALA B 325 17.24 28.09 11.88
N SER B 326 18.22 28.98 12.01
CA SER B 326 18.94 29.51 10.87
C SER B 326 20.44 29.48 11.17
N ARG B 327 21.23 29.42 10.10
CA ARG B 327 22.67 29.29 10.19
C ARG B 327 23.33 30.38 9.35
N VAL B 328 24.39 30.99 9.91
CA VAL B 328 25.26 31.90 9.17
C VAL B 328 26.67 31.32 9.24
N GLY B 329 27.18 30.85 8.11
CA GLY B 329 28.50 30.24 8.11
C GLY B 329 28.49 28.97 8.95
N ASP B 330 29.31 28.96 9.99
CA ASP B 330 29.43 27.82 10.89
C ASP B 330 28.55 27.90 12.12
N VAL B 331 27.81 29.00 12.31
CA VAL B 331 27.10 29.28 13.54
C VAL B 331 25.61 29.07 13.32
N TRP B 332 24.99 28.26 14.18
CA TRP B 332 23.56 28.01 14.15
C TRP B 332 22.85 28.90 15.16
N PHE B 333 21.68 29.39 14.78
CA PHE B 333 20.83 30.21 15.64
C PHE B 333 19.48 29.53 15.75
N THR B 334 19.21 28.93 16.91
CA THR B 334 18.05 28.07 17.10
C THR B 334 16.96 28.79 17.85
N GLY B 335 15.72 28.37 17.59
CA GLY B 335 14.57 29.06 18.14
C GLY B 335 14.17 30.28 17.35
N ILE B 336 14.40 30.28 16.04
CA ILE B 336 14.00 31.39 15.17
C ILE B 336 13.02 30.88 14.12
N PRO B 337 11.77 31.34 14.16
CA PRO B 337 10.81 30.95 13.11
C PRO B 337 11.31 31.36 11.73
N MET B 338 11.09 30.48 10.76
CA MET B 338 11.57 30.70 9.40
C MET B 338 11.00 31.99 8.82
N LEU B 339 9.77 32.34 9.20
CA LEU B 339 9.19 33.60 8.73
C LEU B 339 10.01 34.80 9.17
N GLN B 340 10.38 34.86 10.46
CA GLN B 340 11.18 35.99 10.94
C GLN B 340 12.58 35.98 10.33
N ALA B 341 13.17 34.79 10.16
CA ALA B 341 14.47 34.74 9.51
C ALA B 341 14.39 35.32 8.10
N ILE B 342 13.33 34.99 7.37
CA ILE B 342 13.16 35.51 6.02
C ILE B 342 12.91 37.01 6.03
N GLU B 343 12.04 37.49 6.92
CA GLU B 343 11.79 38.93 7.03
C GLU B 343 13.09 39.68 7.31
N THR B 344 13.92 39.13 8.19
CA THR B 344 15.21 39.75 8.50
C THR B 344 16.09 39.84 7.26
N LEU B 345 16.22 38.73 6.53
CA LEU B 345 17.09 38.69 5.37
C LEU B 345 16.58 39.55 4.23
N VAL B 346 15.26 39.67 4.08
CA VAL B 346 14.70 40.56 3.06
C VAL B 346 15.13 42.00 3.32
N GLU B 347 15.01 42.44 4.58
CA GLU B 347 15.41 43.79 4.96
C GLU B 347 16.91 44.00 4.69
N LEU B 348 17.73 43.04 5.10
CA LEU B 348 19.18 43.15 4.91
C LEU B 348 19.56 43.12 3.44
N CYS B 349 18.93 42.27 2.63
CA CYS B 349 19.22 42.26 1.20
C CYS B 349 18.83 43.59 0.56
N LYS B 350 17.70 44.15 0.97
CA LYS B 350 17.32 45.46 0.47
C LYS B 350 18.40 46.50 0.77
N GLN B 351 19.10 46.34 1.90
CA GLN B 351 20.16 47.28 2.25
C GLN B 351 21.44 47.06 1.46
N HIS B 352 21.84 45.81 1.24
CA HIS B 352 23.18 45.56 0.72
C HIS B 352 23.21 45.01 -0.70
N VAL B 353 22.20 44.24 -1.09
CA VAL B 353 22.14 43.73 -2.47
C VAL B 353 21.58 44.83 -3.36
N HIS B 354 22.46 45.46 -4.15
CA HIS B 354 22.04 46.43 -5.18
C HIS B 354 22.63 45.95 -6.51
N ASP B 355 21.88 45.10 -7.21
CA ASP B 355 22.35 44.50 -8.45
C ASP B 355 21.28 44.63 -9.52
N THR B 356 21.74 44.73 -10.77
CA THR B 356 20.88 44.58 -11.94
C THR B 356 21.37 43.32 -12.62
N PRO B 357 20.76 42.16 -12.33
CA PRO B 357 21.26 40.90 -12.89
C PRO B 357 21.13 40.87 -14.40
N VAL B 358 22.07 40.17 -15.04
CA VAL B 358 22.03 40.08 -16.51
C VAL B 358 20.80 39.29 -16.92
N PRO B 359 20.06 39.74 -17.94
CA PRO B 359 18.89 38.97 -18.39
C PRO B 359 19.28 37.56 -18.86
N SER B 360 18.32 36.65 -18.75
CA SER B 360 18.54 35.27 -19.15
C SER B 360 18.71 35.17 -20.66
N SER B 361 19.31 34.06 -21.09
CA SER B 361 19.54 33.80 -22.50
C SER B 361 18.66 32.65 -22.99
N GLN B 369 6.97 24.24 -33.41
CA GLN B 369 8.07 24.23 -34.39
C GLN B 369 8.84 22.90 -34.48
N PRO B 370 9.15 22.23 -33.35
CA PRO B 370 9.82 20.93 -33.45
C PRO B 370 9.01 19.93 -34.26
N ASP B 371 9.71 19.13 -35.06
CA ASP B 371 9.08 18.15 -35.93
C ASP B 371 9.75 16.79 -35.78
N GLY B 372 9.31 15.82 -36.59
CA GLY B 372 9.90 14.49 -36.62
C GLY B 372 9.51 13.59 -35.46
N SER B 373 10.19 12.45 -35.41
CA SER B 373 9.95 11.43 -34.38
C SER B 373 10.10 12.03 -32.99
N LEU B 374 9.21 11.63 -32.09
CA LEU B 374 9.28 12.12 -30.71
C LEU B 374 10.57 11.64 -30.03
N THR B 375 11.27 12.60 -29.41
CA THR B 375 12.42 12.34 -28.57
C THR B 375 12.17 13.00 -27.21
N GLN B 376 13.04 12.67 -26.25
CA GLN B 376 13.02 13.41 -24.98
C GLN B 376 13.17 14.91 -25.22
N ASP B 377 14.10 15.28 -26.10
CA ASP B 377 14.38 16.70 -26.32
C ASP B 377 13.19 17.44 -26.90
N ASN B 378 12.61 16.94 -27.98
CA ASN B 378 11.52 17.67 -28.61
C ASN B 378 10.20 17.51 -27.87
N PHE B 379 10.08 16.48 -27.02
CA PHE B 379 8.89 16.39 -26.16
C PHE B 379 8.82 17.55 -25.19
N TRP B 380 9.90 17.78 -24.44
CA TRP B 380 9.89 18.86 -23.45
C TRP B 380 9.88 20.23 -24.12
N LYS B 381 10.47 20.32 -25.31
CA LYS B 381 10.37 21.56 -26.09
C LYS B 381 8.93 21.83 -26.50
N THR B 382 8.22 20.79 -26.93
CA THR B 382 6.81 20.95 -27.30
C THR B 382 5.97 21.33 -26.09
N LEU B 383 6.19 20.64 -24.96
CA LEU B 383 5.42 20.95 -23.77
C LEU B 383 5.74 22.35 -23.24
N GLN B 384 6.96 22.83 -23.45
CA GLN B 384 7.32 24.17 -23.01
C GLN B 384 6.38 25.22 -23.60
N THR B 385 6.06 25.10 -24.89
CA THR B 385 5.20 26.09 -25.53
C THR B 385 3.73 25.97 -25.12
N PHE B 386 3.35 24.87 -24.47
CA PHE B 386 1.95 24.60 -24.16
C PHE B 386 1.54 25.09 -22.78
N ILE B 387 2.46 25.08 -21.81
CA ILE B 387 2.07 25.40 -20.44
C ILE B 387 1.75 26.89 -20.30
N ARG B 388 0.86 27.19 -19.36
CA ARG B 388 0.32 28.53 -19.18
C ARG B 388 0.20 28.83 -17.71
N PRO B 389 0.12 30.10 -17.32
CA PRO B 389 -0.18 30.44 -15.93
C PRO B 389 -1.47 29.78 -15.46
N GLY B 390 -1.48 29.35 -14.19
CA GLY B 390 -2.61 28.65 -13.64
C GLY B 390 -2.50 27.14 -13.72
N ASP B 391 -1.55 26.61 -14.48
CA ASP B 391 -1.41 25.17 -14.62
C ASP B 391 -0.98 24.54 -13.31
N ILE B 392 -1.49 23.34 -13.06
CA ILE B 392 -0.96 22.44 -12.05
C ILE B 392 -0.26 21.30 -12.80
N ILE B 393 1.05 21.20 -12.63
CA ILE B 393 1.86 20.23 -13.34
C ILE B 393 2.40 19.24 -12.32
N LEU B 394 2.12 17.95 -12.54
CA LEU B 394 2.64 16.89 -11.68
C LEU B 394 3.46 15.92 -12.50
N ALA B 395 4.63 15.55 -11.99
CA ALA B 395 5.54 14.66 -12.68
C ALA B 395 6.04 13.59 -11.73
N ASP B 396 6.13 12.35 -12.22
CA ASP B 396 6.58 11.21 -11.44
C ASP B 396 8.06 10.94 -11.63
N GLN B 397 8.62 10.16 -10.71
CA GLN B 397 10.02 9.76 -10.80
C GLN B 397 10.25 8.90 -12.03
N GLY B 398 11.43 9.05 -12.60
CA GLY B 398 11.74 8.46 -13.89
C GLY B 398 12.08 9.57 -14.85
N THR B 399 11.96 9.34 -16.16
CA THR B 399 12.24 10.40 -17.12
C THR B 399 11.28 11.59 -16.98
N SER B 400 10.05 11.36 -16.50
CA SER B 400 9.08 12.44 -16.36
C SER B 400 9.63 13.59 -15.51
N ALA B 401 9.90 13.34 -14.23
CA ALA B 401 10.31 14.42 -13.33
C ALA B 401 11.64 15.03 -13.75
N PHE B 402 12.59 14.20 -14.17
CA PHE B 402 13.92 14.69 -14.49
C PHE B 402 14.00 15.34 -15.87
N GLY B 403 12.93 15.27 -16.66
CA GLY B 403 12.85 16.07 -17.87
C GLY B 403 12.07 17.34 -17.62
N ALA B 404 11.05 17.26 -16.76
CA ALA B 404 10.25 18.42 -16.42
C ALA B 404 11.06 19.48 -15.68
N ILE B 405 12.21 19.12 -15.12
CA ILE B 405 13.05 20.07 -14.41
C ILE B 405 13.46 21.22 -15.32
N ASP B 406 13.57 20.97 -16.63
CA ASP B 406 14.00 21.99 -17.58
C ASP B 406 12.88 22.87 -18.08
N LEU B 407 11.64 22.62 -17.64
CA LEU B 407 10.55 23.51 -18.03
C LEU B 407 10.74 24.88 -17.39
N ARG B 408 10.47 25.92 -18.19
CA ARG B 408 10.55 27.31 -17.77
C ARG B 408 9.15 27.73 -17.36
N LEU B 409 8.86 27.66 -16.06
CA LEU B 409 7.50 27.84 -15.57
C LEU B 409 7.13 29.31 -15.61
N PRO B 410 5.94 29.65 -16.11
CA PRO B 410 5.43 31.03 -15.98
C PRO B 410 4.85 31.27 -14.60
N ALA B 411 4.22 32.42 -14.40
CA ALA B 411 3.67 32.77 -13.10
C ALA B 411 2.50 31.86 -12.73
N ASP B 412 2.29 31.69 -11.42
CA ASP B 412 1.13 30.99 -10.87
C ASP B 412 1.01 29.56 -11.37
N VAL B 413 2.12 28.82 -11.31
CA VAL B 413 2.14 27.40 -11.62
C VAL B 413 2.40 26.64 -10.33
N ASN B 414 1.57 25.63 -10.07
CA ASN B 414 1.80 24.70 -8.97
C ASN B 414 2.46 23.46 -9.58
N PHE B 415 3.75 23.29 -9.27
CA PHE B 415 4.57 22.23 -9.82
C PHE B 415 4.79 21.19 -8.72
N ILE B 416 4.20 20.01 -8.89
CA ILE B 416 4.18 18.98 -7.86
C ILE B 416 5.06 17.82 -8.30
N VAL B 417 6.16 17.61 -7.58
CA VAL B 417 7.08 16.50 -7.81
C VAL B 417 7.53 15.98 -6.44
N GLN B 418 7.86 14.69 -6.38
CA GLN B 418 8.15 14.01 -5.12
C GLN B 418 9.51 13.32 -5.21
N PRO B 419 10.60 14.11 -5.29
CA PRO B 419 11.92 13.52 -5.55
C PRO B 419 12.66 13.01 -4.31
N LEU B 420 12.24 13.42 -3.12
CA LEU B 420 12.87 12.90 -1.91
C LEU B 420 12.29 11.53 -1.55
N TRP B 421 10.98 11.44 -1.35
CA TRP B 421 10.39 10.14 -1.13
C TRP B 421 10.50 9.26 -2.38
N GLY B 422 10.07 9.80 -3.53
CA GLY B 422 10.29 9.14 -4.81
C GLY B 422 9.49 7.88 -5.10
N SER B 423 8.20 7.87 -4.77
CA SER B 423 7.35 6.69 -4.93
C SER B 423 6.61 6.80 -6.26
N ILE B 424 6.94 5.92 -7.21
CA ILE B 424 6.27 5.96 -8.51
C ILE B 424 4.82 5.50 -8.34
N GLY B 425 3.93 6.08 -9.13
CA GLY B 425 2.51 5.95 -8.95
C GLY B 425 1.90 7.10 -8.16
N TYR B 426 2.69 7.79 -7.34
CA TYR B 426 2.21 8.95 -6.61
C TYR B 426 1.53 9.94 -7.55
N THR B 427 2.13 10.19 -8.71
CA THR B 427 1.72 11.33 -9.53
C THR B 427 0.29 11.19 -10.04
N LEU B 428 -0.06 10.00 -10.57
CA LEU B 428 -1.41 9.84 -11.13
C LEU B 428 -2.47 10.02 -10.05
N ALA B 429 -2.25 9.44 -8.87
CA ALA B 429 -3.23 9.56 -7.80
C ALA B 429 -3.23 10.96 -7.19
N ALA B 430 -2.05 11.58 -7.06
CA ALA B 430 -1.99 12.95 -6.55
C ALA B 430 -2.69 13.93 -7.49
N ALA B 431 -2.67 13.67 -8.79
CA ALA B 431 -3.37 14.54 -9.72
C ALA B 431 -4.88 14.51 -9.47
N PHE B 432 -5.42 13.34 -9.09
CA PHE B 432 -6.83 13.27 -8.73
C PHE B 432 -7.12 14.15 -7.52
N GLY B 433 -6.24 14.12 -6.51
CA GLY B 433 -6.42 14.99 -5.36
C GLY B 433 -6.26 16.46 -5.71
N ALA B 434 -5.27 16.78 -6.54
CA ALA B 434 -5.04 18.18 -6.90
C ALA B 434 -6.19 18.75 -7.71
N GLN B 435 -6.73 17.97 -8.66
CA GLN B 435 -7.89 18.42 -9.43
C GLN B 435 -9.11 18.59 -8.54
N THR B 436 -9.28 17.73 -7.56
CA THR B 436 -10.37 17.88 -6.60
C THR B 436 -10.24 19.21 -5.85
N ALA B 437 -9.03 19.57 -5.44
CA ALA B 437 -8.81 20.82 -4.74
C ALA B 437 -9.09 22.02 -5.63
N CYS B 438 -8.72 21.93 -6.91
CA CYS B 438 -8.77 23.06 -7.84
C CYS B 438 -9.51 22.64 -9.10
N PRO B 439 -10.83 22.52 -9.03
CA PRO B 439 -11.60 22.07 -10.21
C PRO B 439 -11.51 23.01 -11.40
N ASN B 440 -11.19 24.28 -11.21
CA ASN B 440 -11.18 25.25 -12.30
C ASN B 440 -9.79 25.46 -12.90
N ARG B 441 -8.78 24.76 -12.40
CA ARG B 441 -7.42 24.88 -12.93
C ARG B 441 -7.08 23.71 -13.84
N ARG B 442 -6.21 23.97 -14.81
CA ARG B 442 -5.78 22.93 -15.75
C ARG B 442 -4.69 22.09 -15.11
N VAL B 443 -4.92 20.78 -15.05
CA VAL B 443 -4.02 19.82 -14.41
C VAL B 443 -3.36 18.99 -15.51
N ILE B 444 -2.04 18.98 -15.52
CA ILE B 444 -1.23 18.25 -16.50
C ILE B 444 -0.45 17.18 -15.75
N VAL B 445 -0.65 15.92 -16.15
CA VAL B 445 -0.04 14.77 -15.49
C VAL B 445 1.03 14.21 -16.40
N LEU B 446 2.26 14.20 -15.92
CA LEU B 446 3.39 13.62 -16.64
C LEU B 446 3.81 12.36 -15.89
N THR B 447 3.42 11.20 -16.40
CA THR B 447 3.74 9.94 -15.75
C THR B 447 4.34 8.97 -16.76
N GLY B 448 5.32 8.20 -16.31
CA GLY B 448 5.82 7.11 -17.12
C GLY B 448 4.79 6.01 -17.24
N ASP B 449 5.00 5.12 -18.21
CA ASP B 449 4.11 3.98 -18.35
C ASP B 449 4.21 3.04 -17.14
N GLY B 450 5.43 2.83 -16.63
CA GLY B 450 5.57 1.99 -15.45
C GLY B 450 4.88 2.58 -14.23
N ALA B 451 5.11 3.88 -13.98
CA ALA B 451 4.58 4.52 -12.79
C ALA B 451 3.05 4.47 -12.76
N ALA B 452 2.40 4.71 -13.90
CA ALA B 452 0.95 4.75 -13.92
C ALA B 452 0.31 3.40 -13.61
N GLN B 453 1.04 2.30 -13.81
CA GLN B 453 0.47 0.99 -13.51
C GLN B 453 0.19 0.81 -12.02
N LEU B 454 0.97 1.45 -11.16
CA LEU B 454 0.87 1.20 -9.73
C LEU B 454 -0.40 1.78 -9.11
N THR B 455 -0.99 2.79 -9.76
CA THR B 455 -2.14 3.52 -9.20
C THR B 455 -3.25 3.72 -10.23
N ILE B 456 -3.21 2.99 -11.32
CA ILE B 456 -4.16 3.11 -12.40
C ILE B 456 -5.63 3.19 -12.07
N GLN B 457 -6.10 2.46 -11.07
CA GLN B 457 -7.47 2.49 -10.65
C GLN B 457 -8.04 3.87 -10.33
N GLU B 458 -7.18 4.80 -9.95
CA GLU B 458 -7.64 6.16 -9.63
C GLU B 458 -8.26 6.86 -10.84
N LEU B 459 -7.70 6.60 -12.02
CA LEU B 459 -8.15 7.17 -13.25
C LEU B 459 -9.66 6.95 -13.27
N GLY B 460 -10.11 5.80 -12.76
CA GLY B 460 -11.53 5.59 -12.66
C GLY B 460 -12.21 6.59 -11.73
N SER B 461 -11.52 6.99 -10.67
CA SER B 461 -12.07 8.04 -9.81
C SER B 461 -12.17 9.37 -10.56
N MET B 462 -11.15 9.70 -11.36
CA MET B 462 -11.24 10.92 -12.16
C MET B 462 -12.46 10.90 -13.08
N LEU B 463 -12.69 9.76 -13.75
CA LEU B 463 -13.80 9.68 -14.71
C LEU B 463 -15.16 9.70 -14.01
N ARG B 464 -15.28 8.97 -12.89
CA ARG B 464 -16.52 9.00 -12.12
C ARG B 464 -16.88 10.44 -11.77
N ASP B 465 -15.89 11.20 -11.35
CA ASP B 465 -16.04 12.58 -10.91
C ASP B 465 -15.99 13.64 -12.01
N LYS B 466 -15.97 13.24 -13.26
CA LYS B 466 -15.89 14.16 -14.40
C LYS B 466 -14.75 15.16 -14.38
N GLN B 467 -13.60 14.71 -13.92
CA GLN B 467 -12.44 15.56 -13.92
C GLN B 467 -11.91 15.63 -15.35
N HIS B 468 -11.26 16.71 -15.68
CA HIS B 468 -10.73 16.91 -17.00
C HIS B 468 -9.21 17.15 -17.08
N PRO B 469 -8.41 16.31 -16.45
CA PRO B 469 -6.96 16.53 -16.53
C PRO B 469 -6.43 16.17 -17.91
N ILE B 470 -5.22 16.62 -18.18
CA ILE B 470 -4.46 16.20 -19.36
C ILE B 470 -3.39 15.23 -18.87
N ILE B 471 -3.59 13.95 -19.15
CA ILE B 471 -2.68 12.90 -18.72
C ILE B 471 -1.79 12.52 -19.90
N LEU B 472 -0.48 12.73 -19.74
CA LEU B 472 0.51 12.33 -20.73
C LEU B 472 1.25 11.12 -20.19
N VAL B 473 1.04 9.97 -20.82
CA VAL B 473 1.75 8.74 -20.45
C VAL B 473 2.96 8.65 -21.37
N LEU B 474 4.15 8.77 -20.79
CA LEU B 474 5.39 8.68 -21.56
C LEU B 474 5.67 7.19 -21.75
N ASN B 475 5.25 6.65 -22.88
CA ASN B 475 5.31 5.21 -23.13
C ASN B 475 6.58 4.90 -23.92
N ASN B 476 7.58 4.41 -23.20
CA ASN B 476 8.76 3.79 -23.79
C ASN B 476 8.91 2.32 -23.40
N GLU B 477 7.82 1.69 -22.96
CA GLU B 477 7.71 0.25 -22.79
C GLU B 477 8.75 -0.30 -21.81
N GLY B 478 8.68 0.17 -20.58
CA GLY B 478 9.49 -0.37 -19.50
C GLY B 478 10.02 0.66 -18.54
N TYR B 479 10.83 0.21 -17.57
CA TYR B 479 11.45 1.06 -16.56
C TYR B 479 12.81 1.52 -17.07
N THR B 480 12.87 2.68 -17.74
CA THR B 480 14.13 3.07 -18.37
C THR B 480 15.01 3.95 -17.51
N VAL B 481 14.48 4.49 -16.42
CA VAL B 481 15.30 5.19 -15.45
C VAL B 481 16.29 4.08 -14.99
N GLU B 482 15.71 3.01 -14.45
CA GLU B 482 16.49 1.87 -13.98
C GLU B 482 17.43 1.37 -15.06
N ARG B 483 16.95 1.26 -16.29
CA ARG B 483 17.78 0.79 -17.39
C ARG B 483 19.05 1.60 -17.47
N ALA B 484 18.95 2.92 -17.33
CA ALA B 484 20.08 3.85 -17.33
C ALA B 484 20.96 3.65 -16.11
N ILE B 485 20.35 3.26 -15.00
CA ILE B 485 21.07 3.00 -13.76
C ILE B 485 21.80 1.68 -13.81
N HIS B 486 21.11 0.61 -14.15
CA HIS B 486 21.65 -0.75 -14.18
C HIS B 486 20.81 -1.83 -14.87
N GLY B 487 21.50 -2.74 -15.54
CA GLY B 487 20.85 -3.83 -16.24
C GLY B 487 19.80 -3.35 -17.24
N PRO B 488 20.24 -2.62 -18.27
CA PRO B 488 19.27 -2.09 -19.24
C PRO B 488 18.51 -3.16 -20.00
N GLU B 489 19.13 -4.31 -20.28
CA GLU B 489 18.48 -5.40 -20.98
C GLU B 489 17.96 -6.48 -20.04
N GLN B 490 18.10 -6.26 -18.74
CA GLN B 490 17.64 -7.21 -17.80
C GLN B 490 16.12 -7.27 -17.89
N ARG B 491 15.52 -8.45 -17.82
CA ARG B 491 14.05 -8.55 -17.86
C ARG B 491 13.25 -7.91 -16.72
N TYR B 492 13.89 -7.64 -15.60
CA TYR B 492 13.22 -7.00 -14.50
C TYR B 492 12.88 -5.56 -14.77
N ASN B 493 13.43 -4.95 -15.78
CA ASN B 493 13.05 -3.60 -16.17
C ASN B 493 11.94 -3.60 -17.20
N ASP B 494 11.46 -4.77 -17.62
CA ASP B 494 10.31 -4.86 -18.50
C ASP B 494 9.03 -4.82 -17.67
N ILE B 495 7.93 -4.46 -18.34
CA ILE B 495 6.61 -4.42 -17.71
C ILE B 495 5.61 -5.08 -18.65
N ALA B 496 4.43 -5.36 -18.11
CA ALA B 496 3.30 -5.68 -18.96
C ALA B 496 2.99 -4.48 -19.84
N LEU B 497 2.79 -4.73 -21.12
CA LEU B 497 2.49 -3.67 -22.08
C LEU B 497 0.98 -3.48 -22.13
N TRP B 498 0.52 -2.30 -21.75
CA TRP B 498 -0.89 -1.96 -21.65
C TRP B 498 -1.38 -1.24 -22.91
N ASN B 499 -2.69 -1.26 -23.10
CA ASN B 499 -3.35 -0.55 -24.20
C ASN B 499 -3.92 0.74 -23.62
N TRP B 500 -3.04 1.74 -23.49
CA TRP B 500 -3.36 2.91 -22.66
C TRP B 500 -4.60 3.64 -23.14
N THR B 501 -4.78 3.79 -24.45
CA THR B 501 -5.92 4.55 -24.95
C THR B 501 -7.25 3.82 -24.76
N GLN B 502 -7.24 2.58 -24.28
CA GLN B 502 -8.45 1.84 -24.00
C GLN B 502 -8.81 1.78 -22.52
N ILE B 503 -8.00 2.35 -21.65
CA ILE B 503 -8.22 2.27 -20.21
C ILE B 503 -9.41 3.10 -19.77
N PRO B 504 -9.60 4.35 -20.25
CA PRO B 504 -10.81 5.08 -19.83
C PRO B 504 -12.10 4.35 -20.14
N GLN B 505 -12.20 3.69 -21.30
CA GLN B 505 -13.41 2.94 -21.64
C GLN B 505 -13.54 1.65 -20.85
N ALA B 506 -12.49 1.20 -20.17
CA ALA B 506 -12.58 0.03 -19.30
C ALA B 506 -12.94 0.38 -17.88
N LEU B 507 -12.48 1.54 -17.40
CA LEU B 507 -12.73 1.96 -16.02
C LEU B 507 -13.93 2.89 -15.91
N SER B 508 -14.77 2.95 -16.95
CA SER B 508 -15.95 3.79 -16.94
C SER B 508 -16.97 3.20 -17.91
N LEU B 509 -18.25 3.29 -17.53
CA LEU B 509 -19.30 2.89 -18.46
C LEU B 509 -19.59 3.97 -19.51
N ASP B 510 -19.18 5.20 -19.26
CA ASP B 510 -19.42 6.29 -20.20
C ASP B 510 -18.40 7.41 -19.98
N PRO B 511 -17.11 7.18 -20.28
CA PRO B 511 -16.10 8.19 -19.96
C PRO B 511 -16.27 9.46 -20.77
N GLN B 512 -16.15 10.59 -20.10
CA GLN B 512 -16.13 11.89 -20.78
C GLN B 512 -14.68 12.26 -21.08
N ALA B 513 -14.06 11.38 -21.88
CA ALA B 513 -12.64 11.45 -22.19
C ALA B 513 -12.40 11.23 -23.68
N GLN B 514 -11.26 11.75 -24.15
CA GLN B 514 -10.74 11.49 -25.48
C GLN B 514 -9.27 11.09 -25.38
N CYS B 515 -8.88 10.05 -26.11
CA CYS B 515 -7.53 9.49 -26.03
C CYS B 515 -6.85 9.56 -27.38
N TRP B 516 -5.55 9.87 -27.37
CA TRP B 516 -4.72 9.87 -28.56
C TRP B 516 -3.43 9.10 -28.29
N ARG B 517 -2.88 8.55 -29.36
CA ARG B 517 -1.54 7.96 -29.36
C ARG B 517 -0.68 8.73 -30.35
N VAL B 518 0.44 9.28 -29.88
CA VAL B 518 1.28 10.14 -30.70
C VAL B 518 2.70 9.59 -30.73
N SER B 519 3.34 9.72 -31.90
CA SER B 519 4.73 9.35 -32.09
C SER B 519 5.58 10.45 -32.73
N GLU B 520 4.95 11.53 -33.22
CA GLU B 520 5.67 12.63 -33.86
C GLU B 520 5.49 13.89 -33.03
N ALA B 521 6.51 14.75 -33.07
CA ALA B 521 6.45 16.00 -32.33
C ALA B 521 5.28 16.86 -32.78
N GLU B 522 5.04 16.93 -34.10
CA GLU B 522 3.95 17.77 -34.59
C GLU B 522 2.58 17.20 -34.25
N GLN B 523 2.44 15.87 -34.20
CA GLN B 523 1.17 15.31 -33.71
C GLN B 523 0.93 15.69 -32.26
N LEU B 524 1.97 15.64 -31.44
CA LEU B 524 1.83 16.05 -30.05
C LEU B 524 1.42 17.52 -29.96
N ALA B 525 2.02 18.37 -30.79
CA ALA B 525 1.66 19.79 -30.79
C ALA B 525 0.20 19.99 -31.17
N ASP B 526 -0.27 19.29 -32.20
CA ASP B 526 -1.67 19.42 -32.61
C ASP B 526 -2.61 18.94 -31.51
N VAL B 527 -2.32 17.82 -30.89
CA VAL B 527 -3.17 17.28 -29.83
C VAL B 527 -3.28 18.22 -28.65
N LEU B 528 -2.16 18.72 -28.19
CA LEU B 528 -2.10 19.63 -27.05
C LEU B 528 -2.95 20.86 -27.29
N GLU B 529 -2.81 21.40 -28.49
CA GLU B 529 -3.52 22.53 -28.95
C GLU B 529 -5.00 22.28 -28.83
N LYS B 530 -5.44 21.11 -29.22
CA LYS B 530 -6.82 20.77 -29.16
C LYS B 530 -7.38 20.62 -27.75
N VAL B 531 -6.57 20.17 -26.81
CA VAL B 531 -7.08 19.95 -25.47
C VAL B 531 -6.72 21.05 -24.51
N ALA B 532 -6.28 22.16 -25.06
CA ALA B 532 -5.87 23.28 -24.30
C ALA B 532 -6.87 23.77 -23.31
N HIS B 533 -8.13 23.67 -23.65
CA HIS B 533 -9.16 24.15 -22.73
C HIS B 533 -9.83 23.02 -21.95
N HIS B 534 -9.31 21.79 -22.09
CA HIS B 534 -9.60 20.65 -21.20
C HIS B 534 -11.09 20.50 -20.90
N GLU B 535 -11.88 20.38 -21.97
CA GLU B 535 -13.32 20.18 -21.84
C GLU B 535 -13.69 18.75 -21.46
N ARG B 536 -12.77 17.80 -21.67
CA ARG B 536 -12.95 16.43 -21.23
C ARG B 536 -11.61 15.96 -20.67
N LEU B 537 -11.63 14.81 -20.00
CA LEU B 537 -10.37 14.17 -19.64
C LEU B 537 -9.61 13.82 -20.91
N SER B 538 -8.32 14.08 -20.92
CA SER B 538 -7.48 13.74 -22.06
C SER B 538 -6.40 12.77 -21.60
N LEU B 539 -6.22 11.70 -22.37
CA LEU B 539 -5.15 10.73 -22.13
C LEU B 539 -4.34 10.66 -23.42
N ILE B 540 -3.09 11.09 -23.37
CA ILE B 540 -2.20 11.11 -24.53
C ILE B 540 -1.09 10.11 -24.28
N GLU B 541 -1.08 9.03 -25.06
CA GLU B 541 -0.02 8.04 -24.98
C GLU B 541 1.15 8.51 -25.84
N VAL B 542 2.25 8.88 -25.22
CA VAL B 542 3.39 9.48 -25.89
C VAL B 542 4.43 8.39 -26.15
N MET B 543 4.63 8.06 -27.42
CA MET B 543 5.57 7.02 -27.84
C MET B 543 6.99 7.58 -27.84
N LEU B 544 7.86 7.03 -27.00
CA LEU B 544 9.23 7.51 -26.87
C LEU B 544 10.21 6.35 -27.00
N PRO B 545 11.46 6.64 -27.39
CA PRO B 545 12.45 5.57 -27.50
C PRO B 545 12.78 4.94 -26.14
N LYS B 546 13.17 3.67 -26.19
CA LYS B 546 13.38 2.91 -24.96
C LYS B 546 14.58 3.41 -24.17
N ALA B 547 15.67 3.75 -24.85
CA ALA B 547 16.90 4.15 -24.15
C ALA B 547 17.03 5.65 -23.96
N ASP B 548 16.05 6.45 -24.40
CA ASP B 548 16.16 7.90 -24.35
C ASP B 548 15.95 8.41 -22.92
N ILE B 549 16.87 9.25 -22.46
CA ILE B 549 16.85 9.81 -21.11
C ILE B 549 17.08 11.31 -21.18
N PRO B 550 16.42 12.10 -20.35
CA PRO B 550 16.64 13.56 -20.36
C PRO B 550 17.99 13.94 -19.80
N PRO B 551 18.47 15.16 -20.07
CA PRO B 551 19.84 15.54 -19.65
C PRO B 551 20.13 15.37 -18.17
N LEU B 552 19.16 15.68 -17.30
CA LEU B 552 19.40 15.58 -15.86
C LEU B 552 19.69 14.14 -15.46
N LEU B 553 18.97 13.19 -16.05
CA LEU B 553 19.21 11.78 -15.72
C LEU B 553 20.63 11.37 -16.12
N GLY B 554 21.10 11.83 -17.29
CA GLY B 554 22.42 11.43 -17.75
C GLY B 554 23.54 11.77 -16.78
N ALA B 555 23.35 12.80 -15.95
CA ALA B 555 24.35 13.12 -14.95
C ALA B 555 24.11 12.42 -13.62
N ILE B 556 22.85 12.09 -13.30
CA ILE B 556 22.58 11.35 -12.06
C ILE B 556 22.78 9.85 -12.22
N THR B 557 22.55 9.28 -13.41
CA THR B 557 22.89 7.86 -13.59
C THR B 557 24.38 7.65 -13.39
N LYS B 558 25.19 8.61 -13.83
CA LYS B 558 26.62 8.67 -13.55
C LYS B 558 26.95 9.10 -12.13
N ALA B 559 25.97 9.52 -11.32
CA ALA B 559 26.33 10.18 -10.07
C ALA B 559 26.96 9.23 -9.05
N LEU B 560 26.54 7.98 -9.01
CA LEU B 560 27.08 7.02 -8.05
C LEU B 560 28.05 6.04 -8.71
N GLU B 561 28.33 4.92 -8.02
CA GLU B 561 29.26 3.86 -8.40
C GLU B 561 30.74 4.24 -8.41
N ALA B 562 31.28 4.52 -7.23
CA ALA B 562 32.71 4.69 -7.03
C ALA B 562 33.07 4.33 -5.59
MG MG C . -20.17 -5.21 -4.80
C13 A1L14 D . -16.04 -3.98 1.71
C11 A1L14 D . -11.61 -3.88 3.62
C01 A1L14 D . -14.88 -1.76 1.74
C02 A1L14 D . -15.20 -3.11 2.37
C04 A1L14 D . -13.79 -2.66 4.27
C05 A1L14 D . -12.38 -2.72 3.70
C06 A1L14 D . -11.76 -1.56 3.23
C08 A1L14 D . -9.86 -2.75 2.69
C09 A1L14 D . -8.44 -2.77 2.12
C14 A1L14 D . -16.73 -3.74 0.37
C15 A1L14 D . -16.83 -5.03 -0.44
C26 A1L14 D . -15.10 -4.75 3.95
C27 A1L14 D . -14.84 -5.49 5.04
C29 A1L14 D . -15.49 -6.88 5.11
C30 A1L14 D . -16.02 -7.34 6.47
C31 A1L14 D . -16.75 -6.48 7.29
C32 A1L14 D . -17.23 -6.92 8.51
C33 A1L14 D . -16.98 -8.22 8.92
C34 A1L14 D . -16.27 -9.08 8.11
C35 A1L14 D . -15.79 -8.64 6.88
N03 A1L14 D . -14.70 -3.53 3.53
N07 A1L14 D . -10.53 -1.60 2.75
N10 A1L14 D . -10.39 -3.86 3.13
N12 A1L14 D . -12.14 -5.15 4.09
O16 A1L14 D . -17.28 -4.66 -1.71
O18 A1L14 D . -16.02 -6.33 -3.23
O19 A1L14 D . -18.20 -7.14 -2.17
O21 A1L14 D . -20.54 -6.15 -2.73
O22 A1L14 D . -20.19 -8.62 -2.74
O23 A1L14 D . -20.26 -7.38 -0.63
O24 A1L14 D . -18.14 -5.30 -4.03
O28 A1L14 D . -13.98 -5.08 6.07
P17 A1L14 D . -17.40 -5.86 -2.83
P20 A1L14 D . -19.83 -7.31 -2.06
S25 A1L14 D . -16.14 -5.35 2.71
MG MG E . 8.90 3.78 -19.04
C13 A1L14 F . 11.11 3.18 -11.53
C11 A1L14 F . 9.95 3.52 -6.85
C01 A1L14 F . 10.51 1.05 -10.35
C02 A1L14 F . 11.16 2.44 -10.36
C04 A1L14 F . 11.86 2.29 -8.05
C05 A1L14 F . 10.51 2.33 -7.31
C06 A1L14 F . 9.80 1.17 -7.07
C08 A1L14 F . 8.16 2.38 -6.01
C09 A1L14 F . 6.83 2.41 -5.28
C14 A1L14 F . 10.49 2.79 -12.85
C15 A1L14 F . 9.98 3.99 -13.66
C26 A1L14 F . 12.27 4.25 -9.53
C27 A1L14 F . 12.94 5.11 -8.74
C29 A1L14 F . 13.35 6.44 -9.35
C30 A1L14 F . 14.78 6.86 -9.03
C31 A1L14 F . 15.03 7.95 -8.22
C32 A1L14 F . 16.33 8.32 -7.93
C33 A1L14 F . 17.40 7.60 -8.45
C34 A1L14 F . 17.15 6.51 -9.26
C35 A1L14 F . 15.85 6.13 -9.55
N03 A1L14 F . 11.76 3.01 -9.32
N07 A1L14 F . 8.65 1.22 -6.43
N10 A1L14 F . 8.79 3.52 -6.22
N12 A1L14 F . 10.61 4.79 -7.05
O16 A1L14 F . 9.32 3.49 -14.78
O18 A1L14 F . 7.30 5.09 -14.99
O19 A1L14 F . 9.54 5.83 -15.97
O21 A1L14 F . 10.62 4.59 -17.99
O22 A1L14 F . 10.30 7.08 -18.02
O23 A1L14 F . 12.04 6.06 -16.64
O24 A1L14 F . 8.12 3.92 -17.02
O28 A1L14 F . 13.28 4.87 -7.39
P17 A1L14 F . 8.52 4.57 -15.72
P20 A1L14 F . 10.65 5.88 -17.18
S25 A1L14 F . 11.93 4.65 -11.16
#